data_8AAJ
#
_entry.id   8AAJ
#
_cell.length_a   116.526
_cell.length_b   169.738
_cell.length_c   201.855
_cell.angle_alpha   90
_cell.angle_beta   90
_cell.angle_gamma   90
#
_symmetry.space_group_name_H-M   'C 2 2 21'
#
loop_
_entity.id
_entity.type
_entity.pdbx_description
1 polymer 'Replication factor A'
2 polymer 'RPA32 subunit of the hetero-oligomeric complex involved in homologous recombination'
3 polymer 'RPA14 subunit of the hetero-oligomeric complex involved in homologous recombination'
4 non-polymer 'ZINC ION'
5 non-polymer 'SULFATE ION'
#
loop_
_entity_poly.entity_id
_entity_poly.type
_entity_poly.pdbx_seq_one_letter_code
_entity_poly.pdbx_strand_id
1 'polypeptide(L)'
;MSVLTKDRIIEIIERKTGMSREEIEEEIRKIMEEDPYLSEQGAAALLAERLGIDLIEKEEVSLMRISELYPGMDPREVNV
VGRVLKKYPPREYTRKDGSVGRVASLIIYDDSGRARVVLWDAKVSEYYNKIEVGDVIKVLDAQVKESLSGLPELHINFRA
RIILNPDDPRVEMIPPLEEVRVATYTRKKIKDIEAGDRFVEVRGTIAKVYRVLTYDACPECKKKVDYDEGLGVWICPEHG
EVQPIKMTILDFGLDDGTGYIRVTLFGDDAEELLGVSPEEIAEKIKELEESGLTTKEAARKLAEDEFYNIIGREIVVRGN
VIEDRFLGLILRASSWEDVDYRREIERIKEELEKLGVM
;
A
2 'polypeptide(L)'
;MSKKRMPATRLYIKDILEGYFVKSEGDFEPNYLITKYARKVYRAKIVGTVVREPLIAEDETYGKFQVDDGTGVIWVLGFR
DDTKFAKLVRKGDLVQVIGKIAEWRDDKQILVEGVSKVHPNMWILHRYETLKEKIEHIKKAKIALEIYNQYGITAKSKVI
AKNKGIEEELLEVIDELYGIMMEERSIEEPMEELLEEEIPEEKEENELLEKAKEDILNILRQKRTAISRKYILKKLGDKY
DEETIDDAITELLAQGEIYEPETGYYKL
;
B
3 'polypeptide(L)'
;GTGDGSEVQVRRRKPAVERKISEIREEDTRVSLIGRVIKVDKMDYMFWLDDGTGVAIIESESDLPKVGQVVRVIGRIIRN
EEGIHIYAEVIQDFSDADLEALEEIRELERKLLPRLEGEIVW
;
C
#
loop_
_chem_comp.id
_chem_comp.type
_chem_comp.name
_chem_comp.formula
SO4 non-polymer 'SULFATE ION' 'O4 S -2'
ZN non-polymer 'ZINC ION' 'Zn 2'
#
# COMPACT_ATOMS: atom_id res chain seq x y z
N SER A 2 -13.29 -0.69 -49.28
CA SER A 2 -14.31 0.00 -50.06
C SER A 2 -14.09 1.53 -50.09
N VAL A 3 -14.31 2.15 -51.27
CA VAL A 3 -14.14 3.60 -51.46
C VAL A 3 -15.27 4.35 -50.76
N LEU A 4 -14.99 5.56 -50.29
CA LEU A 4 -15.96 6.40 -49.60
C LEU A 4 -17.12 6.79 -50.52
N THR A 5 -18.34 6.87 -49.96
CA THR A 5 -19.55 7.24 -50.71
C THR A 5 -19.52 8.72 -51.12
N LYS A 6 -20.41 9.13 -52.05
CA LYS A 6 -20.46 10.52 -52.51
C LYS A 6 -20.67 11.51 -51.36
N ASP A 7 -21.61 11.21 -50.45
CA ASP A 7 -21.92 12.05 -49.30
C ASP A 7 -20.79 12.07 -48.25
N ARG A 8 -20.02 10.97 -48.15
CA ARG A 8 -18.90 10.89 -47.22
C ARG A 8 -17.73 11.75 -47.72
N ILE A 9 -17.51 11.82 -49.04
CA ILE A 9 -16.46 12.66 -49.59
C ILE A 9 -16.83 14.13 -49.36
N ILE A 10 -18.10 14.50 -49.54
CA ILE A 10 -18.61 15.84 -49.31
C ILE A 10 -18.40 16.23 -47.84
N GLU A 11 -18.68 15.29 -46.92
CA GLU A 11 -18.51 15.49 -45.49
C GLU A 11 -17.03 15.72 -45.13
N ILE A 12 -16.10 14.99 -45.76
CA ILE A 12 -14.68 15.16 -45.48
C ILE A 12 -14.16 16.47 -46.07
N ILE A 13 -14.67 16.88 -47.23
CA ILE A 13 -14.29 18.16 -47.85
C ILE A 13 -14.84 19.34 -47.02
N GLU A 14 -16.03 19.19 -46.42
CA GLU A 14 -16.64 20.20 -45.55
C GLU A 14 -15.80 20.42 -44.30
N ARG A 15 -15.20 19.36 -43.76
CA ARG A 15 -14.40 19.40 -42.55
C ARG A 15 -12.98 19.92 -42.85
N LYS A 16 -12.36 19.43 -43.93
CA LYS A 16 -10.99 19.80 -44.28
C LYS A 16 -10.86 21.15 -44.98
N THR A 17 -11.95 21.66 -45.58
CA THR A 17 -11.90 22.94 -46.27
C THR A 17 -12.82 24.03 -45.68
N GLY A 18 -13.78 23.63 -44.86
CA GLY A 18 -14.70 24.58 -44.26
C GLY A 18 -15.70 25.19 -45.22
N MET A 19 -15.81 24.64 -46.45
CA MET A 19 -16.74 25.15 -47.44
C MET A 19 -18.15 24.59 -47.21
N SER A 20 -19.18 25.37 -47.55
CA SER A 20 -20.56 24.93 -47.37
C SER A 20 -20.95 23.84 -48.37
N ARG A 21 -22.01 23.07 -48.07
CA ARG A 21 -22.47 22.00 -48.95
C ARG A 21 -22.91 22.53 -50.33
N GLU A 22 -23.46 23.74 -50.37
CA GLU A 22 -23.89 24.36 -51.61
C GLU A 22 -22.69 24.74 -52.48
N GLU A 23 -21.59 25.21 -51.85
CA GLU A 23 -20.36 25.59 -52.54
C GLU A 23 -19.65 24.37 -53.13
N ILE A 24 -19.67 23.26 -52.39
CA ILE A 24 -19.04 22.02 -52.83
C ILE A 24 -19.82 21.41 -54.00
N GLU A 25 -21.17 21.48 -53.94
CA GLU A 25 -22.02 20.98 -55.01
C GLU A 25 -21.83 21.74 -56.31
N GLU A 26 -21.45 23.02 -56.22
CA GLU A 26 -21.18 23.84 -57.40
C GLU A 26 -19.84 23.44 -58.03
N GLU A 27 -18.83 23.16 -57.18
CA GLU A 27 -17.51 22.73 -57.66
C GLU A 27 -17.52 21.34 -58.28
N ILE A 28 -18.39 20.46 -57.78
CA ILE A 28 -18.55 19.11 -58.33
C ILE A 28 -19.21 19.19 -59.71
N ARG A 29 -20.20 20.11 -59.86
CA ARG A 29 -20.88 20.34 -61.14
C ARG A 29 -19.91 20.91 -62.18
N LYS A 30 -18.98 21.78 -61.76
CA LYS A 30 -17.99 22.37 -62.65
C LYS A 30 -17.02 21.32 -63.19
N ILE A 31 -16.72 20.29 -62.39
CA ILE A 31 -15.84 19.21 -62.81
C ILE A 31 -16.59 18.28 -63.78
N MET A 32 -17.87 18.01 -63.51
CA MET A 32 -18.71 17.20 -64.40
C MET A 32 -19.07 17.93 -65.72
N GLU A 33 -18.88 19.25 -65.77
CA GLU A 33 -19.09 20.03 -66.99
C GLU A 33 -17.88 19.81 -67.92
N GLU A 34 -16.66 19.79 -67.35
CA GLU A 34 -15.42 19.57 -68.09
C GLU A 34 -15.36 18.13 -68.58
N ASP A 35 -15.72 17.18 -67.71
CA ASP A 35 -15.70 15.78 -68.06
C ASP A 35 -17.06 15.17 -67.70
N PRO A 36 -17.95 15.04 -68.69
CA PRO A 36 -19.29 14.47 -68.39
C PRO A 36 -19.27 12.96 -68.11
N TYR A 37 -18.17 12.28 -68.45
CA TYR A 37 -18.03 10.85 -68.22
C TYR A 37 -17.68 10.49 -66.76
N LEU A 38 -17.60 11.46 -65.86
CA LEU A 38 -17.29 11.20 -64.45
C LEU A 38 -18.58 11.05 -63.64
N SER A 39 -18.56 10.18 -62.63
CA SER A 39 -19.71 9.97 -61.75
C SER A 39 -19.77 11.07 -60.68
N GLU A 40 -20.92 11.21 -59.98
CA GLU A 40 -21.05 12.19 -58.90
C GLU A 40 -20.06 11.91 -57.75
N GLN A 41 -19.67 10.64 -57.58
CA GLN A 41 -18.71 10.21 -56.56
C GLN A 41 -17.28 10.50 -57.03
N GLY A 42 -17.00 10.21 -58.30
CA GLY A 42 -15.69 10.42 -58.90
C GLY A 42 -15.32 11.87 -59.09
N ALA A 43 -16.31 12.73 -59.30
CA ALA A 43 -16.05 14.16 -59.42
C ALA A 43 -15.63 14.71 -58.06
N ALA A 44 -16.27 14.24 -56.98
CA ALA A 44 -15.94 14.63 -55.60
C ALA A 44 -14.54 14.14 -55.22
N ALA A 45 -14.14 12.96 -55.72
CA ALA A 45 -12.82 12.41 -55.48
C ALA A 45 -11.77 13.26 -56.20
N LEU A 46 -12.06 13.69 -57.44
CA LEU A 46 -11.16 14.54 -58.20
C LEU A 46 -11.05 15.93 -57.56
N LEU A 47 -12.15 16.45 -57.00
CA LEU A 47 -12.19 17.73 -56.29
C LEU A 47 -11.30 17.66 -55.06
N ALA A 48 -11.38 16.54 -54.32
CA ALA A 48 -10.57 16.32 -53.13
C ALA A 48 -9.11 16.16 -53.49
N GLU A 49 -8.80 15.57 -54.66
CA GLU A 49 -7.41 15.38 -55.09
C GLU A 49 -6.77 16.73 -55.39
N ARG A 50 -7.52 17.64 -56.02
CA ARG A 50 -7.01 18.98 -56.32
C ARG A 50 -6.81 19.77 -55.02
N LEU A 51 -7.73 19.60 -54.06
CA LEU A 51 -7.69 20.23 -52.74
C LEU A 51 -6.55 19.69 -51.85
N GLY A 52 -6.14 18.45 -52.07
CA GLY A 52 -5.10 17.80 -51.28
C GLY A 52 -5.63 16.91 -50.16
N ILE A 53 -6.93 16.62 -50.19
CA ILE A 53 -7.63 15.81 -49.19
C ILE A 53 -7.75 14.33 -49.61
N ASP A 54 -7.55 14.01 -50.91
CA ASP A 54 -7.70 12.65 -51.44
C ASP A 54 -6.79 11.61 -50.79
N LEU A 55 -5.84 12.03 -49.95
CA LEU A 55 -4.98 11.13 -49.21
C LEU A 55 -5.75 10.52 -48.00
N ILE A 56 -7.10 10.39 -48.13
CA ILE A 56 -8.04 9.86 -47.14
C ILE A 56 -7.86 8.34 -46.90
N GLU A 57 -7.30 7.63 -47.88
CA GLU A 57 -7.04 6.19 -47.77
C GLU A 57 -5.99 5.85 -46.69
N LYS A 58 -5.18 6.84 -46.29
CA LYS A 58 -4.16 6.68 -45.25
C LYS A 58 -4.83 6.87 -43.89
N GLU A 59 -5.80 6.01 -43.57
CA GLU A 59 -6.55 6.09 -42.32
C GLU A 59 -6.12 5.01 -41.33
N GLU A 60 -5.46 5.42 -40.24
CA GLU A 60 -4.99 4.49 -39.22
C GLU A 60 -5.70 4.77 -37.88
N VAL A 61 -7.04 4.86 -37.91
CA VAL A 61 -7.83 5.16 -36.70
C VAL A 61 -7.92 3.97 -35.74
N SER A 62 -7.87 4.26 -34.44
CA SER A 62 -7.94 3.29 -33.35
C SER A 62 -8.49 3.95 -32.06
N LEU A 63 -8.80 3.14 -31.03
CA LEU A 63 -9.32 3.68 -29.77
C LEU A 63 -8.48 3.24 -28.58
N MET A 64 -7.17 3.12 -28.77
CA MET A 64 -6.27 2.70 -27.70
C MET A 64 -5.86 3.88 -26.82
N ARG A 65 -6.07 3.75 -25.51
CA ARG A 65 -5.69 4.80 -24.56
C ARG A 65 -4.25 4.58 -24.04
N ILE A 66 -3.64 5.61 -23.46
CA ILE A 66 -2.29 5.50 -22.90
C ILE A 66 -2.27 4.53 -21.70
N SER A 67 -3.35 4.51 -20.91
CA SER A 67 -3.49 3.60 -19.78
C SER A 67 -3.44 2.13 -20.21
N GLU A 68 -3.94 1.83 -21.41
CA GLU A 68 -3.95 0.48 -21.97
C GLU A 68 -2.58 -0.02 -22.46
N LEU A 69 -1.55 0.85 -22.48
CA LEU A 69 -0.22 0.44 -22.92
C LEU A 69 0.42 -0.44 -21.87
N TYR A 70 1.01 -1.55 -22.29
CA TYR A 70 1.66 -2.48 -21.37
C TYR A 70 3.06 -2.83 -21.83
N PRO A 71 4.03 -2.91 -20.90
CA PRO A 71 5.41 -3.21 -21.30
C PRO A 71 5.57 -4.56 -21.98
N GLY A 72 6.39 -4.59 -23.02
CA GLY A 72 6.63 -5.82 -23.78
C GLY A 72 5.54 -6.16 -24.76
N MET A 73 4.78 -5.14 -25.21
CA MET A 73 3.70 -5.37 -26.17
C MET A 73 4.21 -5.31 -27.60
N ASP A 74 3.41 -5.88 -28.54
CA ASP A 74 3.73 -5.87 -29.96
C ASP A 74 3.70 -4.43 -30.44
N PRO A 75 4.82 -3.93 -30.96
CA PRO A 75 4.86 -2.53 -31.43
C PRO A 75 3.82 -2.22 -32.50
N ARG A 76 3.46 -3.22 -33.33
CA ARG A 76 2.44 -3.07 -34.36
C ARG A 76 1.07 -2.72 -33.77
N GLU A 77 0.77 -3.19 -32.55
CA GLU A 77 -0.49 -2.89 -31.87
C GLU A 77 -0.55 -1.47 -31.28
N VAL A 78 0.62 -0.83 -31.09
CA VAL A 78 0.72 0.52 -30.52
C VAL A 78 0.17 1.60 -31.43
N ASN A 79 -0.91 2.26 -31.00
CA ASN A 79 -1.56 3.32 -31.74
C ASN A 79 -2.21 4.27 -30.75
N VAL A 80 -1.43 5.19 -30.17
CA VAL A 80 -1.95 6.13 -29.19
C VAL A 80 -1.71 7.57 -29.62
N VAL A 81 -2.54 8.49 -29.12
CA VAL A 81 -2.39 9.92 -29.41
C VAL A 81 -2.31 10.71 -28.11
N GLY A 82 -1.48 11.75 -28.11
CA GLY A 82 -1.29 12.57 -26.92
C GLY A 82 -0.69 13.93 -27.16
N ARG A 83 -1.12 14.92 -26.38
CA ARG A 83 -0.62 16.29 -26.47
C ARG A 83 0.70 16.40 -25.72
N VAL A 84 1.68 17.12 -26.27
CA VAL A 84 2.98 17.28 -25.62
C VAL A 84 2.92 18.25 -24.45
N LEU A 85 3.17 17.74 -23.24
CA LEU A 85 3.15 18.52 -22.01
C LEU A 85 4.56 19.04 -21.67
N LYS A 86 5.58 18.19 -21.80
CA LYS A 86 6.96 18.59 -21.50
C LYS A 86 7.92 18.22 -22.64
N LYS A 87 8.98 19.00 -22.79
CA LYS A 87 10.01 18.78 -23.80
C LYS A 87 11.36 18.84 -23.10
N TYR A 88 12.06 17.70 -23.01
CA TYR A 88 13.37 17.67 -22.35
C TYR A 88 14.51 17.93 -23.34
N PRO A 89 15.62 18.54 -22.87
CA PRO A 89 16.73 18.82 -23.79
C PRO A 89 17.31 17.56 -24.44
N PRO A 90 17.65 17.64 -25.72
CA PRO A 90 18.22 16.46 -26.40
C PRO A 90 19.66 16.23 -25.99
N ARG A 91 19.99 14.98 -25.67
CA ARG A 91 21.33 14.62 -25.23
C ARG A 91 22.04 13.76 -26.29
N GLU A 92 23.37 13.69 -26.21
CA GLU A 92 24.15 12.90 -27.14
C GLU A 92 24.97 11.82 -26.45
N TYR A 93 25.19 10.70 -27.14
CA TYR A 93 25.95 9.56 -26.64
C TYR A 93 26.89 9.05 -27.74
N THR A 94 28.13 8.71 -27.38
CA THR A 94 29.08 8.20 -28.37
C THR A 94 28.95 6.68 -28.47
N ARG A 95 28.71 6.18 -29.69
CA ARG A 95 28.53 4.75 -29.94
C ARG A 95 29.87 4.00 -30.09
N LYS A 96 29.84 2.66 -30.23
CA LYS A 96 31.04 1.84 -30.38
C LYS A 96 31.78 2.13 -31.68
N ASP A 97 31.03 2.46 -32.76
CA ASP A 97 31.64 2.78 -34.05
C ASP A 97 32.18 4.23 -34.17
N GLY A 98 32.13 4.99 -33.08
CA GLY A 98 32.61 6.36 -33.06
C GLY A 98 31.54 7.40 -33.32
N SER A 99 30.48 7.00 -34.04
CA SER A 99 29.37 7.88 -34.40
C SER A 99 28.62 8.37 -33.16
N VAL A 100 28.18 9.64 -33.16
CA VAL A 100 27.46 10.20 -32.03
C VAL A 100 25.95 10.20 -32.29
N GLY A 101 25.21 9.44 -31.49
CA GLY A 101 23.76 9.36 -31.63
C GLY A 101 23.03 10.37 -30.76
N ARG A 102 21.75 10.62 -31.05
CA ARG A 102 20.96 11.58 -30.28
C ARG A 102 19.76 10.93 -29.56
N VAL A 103 19.31 11.53 -28.45
CA VAL A 103 18.16 11.02 -27.68
C VAL A 103 17.42 12.17 -26.97
N ALA A 104 16.09 12.27 -27.16
CA ALA A 104 15.30 13.32 -26.54
C ALA A 104 13.98 12.80 -25.99
N SER A 105 13.61 13.23 -24.77
CA SER A 105 12.37 12.78 -24.13
C SER A 105 11.25 13.82 -24.21
N LEU A 106 10.02 13.35 -24.47
CA LEU A 106 8.84 14.20 -24.57
C LEU A 106 7.70 13.60 -23.75
N ILE A 107 7.23 14.31 -22.71
CA ILE A 107 6.13 13.80 -21.89
C ILE A 107 4.78 14.11 -22.54
N ILE A 108 4.05 13.10 -22.99
CA ILE A 108 2.74 13.28 -23.61
C ILE A 108 1.58 12.82 -22.70
N TYR A 109 0.34 13.25 -22.97
CA TYR A 109 -0.80 12.87 -22.14
C TYR A 109 -2.11 12.81 -22.90
N ASP A 110 -3.08 12.05 -22.38
CA ASP A 110 -4.43 11.95 -22.93
C ASP A 110 -5.50 11.97 -21.79
N ASP A 111 -6.77 11.63 -22.07
CA ASP A 111 -7.81 11.62 -21.04
C ASP A 111 -7.66 10.49 -20.01
N SER A 112 -6.74 9.54 -20.22
CA SER A 112 -6.54 8.43 -19.30
C SER A 112 -5.25 8.56 -18.47
N GLY A 113 -4.14 8.83 -19.14
CA GLY A 113 -2.86 8.95 -18.44
C GLY A 113 -1.75 9.61 -19.22
N ARG A 114 -0.51 9.54 -18.70
CA ARG A 114 0.67 10.14 -19.33
C ARG A 114 1.69 9.09 -19.78
N ALA A 115 2.51 9.43 -20.77
CA ALA A 115 3.54 8.52 -21.30
C ALA A 115 4.82 9.27 -21.68
N ARG A 116 5.97 8.59 -21.61
CA ARG A 116 7.25 9.22 -21.95
C ARG A 116 7.73 8.78 -23.34
N VAL A 117 7.76 9.71 -24.31
CA VAL A 117 8.20 9.40 -25.65
C VAL A 117 9.72 9.57 -25.75
N VAL A 118 10.43 8.49 -26.09
CA VAL A 118 11.89 8.55 -26.19
C VAL A 118 12.35 8.50 -27.65
N LEU A 119 12.79 9.63 -28.19
CA LEU A 119 13.27 9.70 -29.58
C LEU A 119 14.70 9.14 -29.68
N TRP A 120 15.01 8.41 -30.77
CA TRP A 120 16.30 7.76 -30.94
C TRP A 120 16.94 8.06 -32.31
N ASP A 121 18.23 8.44 -32.30
CA ASP A 121 19.08 8.72 -33.46
C ASP A 121 18.47 9.78 -34.47
N ALA A 122 18.02 9.36 -35.67
CA ALA A 122 17.47 10.24 -36.69
C ALA A 122 16.08 10.76 -36.36
N LYS A 123 15.33 10.07 -35.50
CA LYS A 123 13.99 10.49 -35.10
C LYS A 123 14.01 11.80 -34.26
N VAL A 124 15.18 12.17 -33.71
CA VAL A 124 15.34 13.39 -32.92
C VAL A 124 15.35 14.60 -33.86
N SER A 125 16.19 14.56 -34.90
CA SER A 125 16.26 15.66 -35.88
C SER A 125 15.04 15.70 -36.82
N GLU A 126 14.33 14.58 -36.96
CA GLU A 126 13.16 14.46 -37.83
C GLU A 126 11.90 14.97 -37.17
N TYR A 127 11.77 14.78 -35.84
CA TYR A 127 10.56 15.19 -35.14
C TYR A 127 10.72 16.28 -34.08
N TYR A 128 11.71 16.17 -33.17
CA TYR A 128 11.92 17.12 -32.06
C TYR A 128 11.84 18.60 -32.45
N ASN A 129 12.49 18.98 -33.55
CA ASN A 129 12.49 20.37 -34.01
C ASN A 129 11.09 20.84 -34.40
N LYS A 130 10.30 19.95 -35.01
CA LYS A 130 8.94 20.26 -35.45
C LYS A 130 7.91 20.17 -34.30
N ILE A 131 8.19 19.37 -33.27
CA ILE A 131 7.28 19.17 -32.16
C ILE A 131 7.33 20.33 -31.15
N GLU A 132 6.15 20.90 -30.85
CA GLU A 132 6.00 21.99 -29.90
C GLU A 132 5.02 21.59 -28.77
N VAL A 133 5.10 22.30 -27.64
CA VAL A 133 4.20 22.04 -26.52
C VAL A 133 2.79 22.43 -26.92
N GLY A 134 1.88 21.47 -26.92
CA GLY A 134 0.50 21.71 -27.31
C GLY A 134 0.05 20.89 -28.50
N ASP A 135 1.00 20.46 -29.35
CA ASP A 135 0.68 19.65 -30.52
C ASP A 135 0.34 18.23 -30.12
N VAL A 136 -0.64 17.62 -30.80
CA VAL A 136 -1.02 16.24 -30.51
C VAL A 136 -0.32 15.32 -31.49
N ILE A 137 0.49 14.40 -30.98
CA ILE A 137 1.24 13.48 -31.84
C ILE A 137 0.61 12.08 -31.89
N LYS A 138 0.92 11.32 -32.94
CA LYS A 138 0.38 9.98 -33.09
C LYS A 138 1.52 8.96 -33.04
N VAL A 139 1.66 8.25 -31.91
CA VAL A 139 2.71 7.27 -31.76
C VAL A 139 2.33 5.93 -32.36
N LEU A 140 3.08 5.50 -33.39
CA LEU A 140 2.83 4.22 -34.07
C LEU A 140 4.10 3.37 -34.08
N ASP A 141 3.94 2.04 -34.03
CA ASP A 141 5.02 1.04 -34.09
C ASP A 141 6.18 1.25 -33.10
N ALA A 142 5.91 1.79 -31.91
CA ALA A 142 6.96 2.03 -30.92
C ALA A 142 7.10 0.90 -29.92
N GLN A 143 8.32 0.68 -29.41
CA GLN A 143 8.57 -0.36 -28.42
C GLN A 143 8.10 0.17 -27.07
N VAL A 144 7.18 -0.53 -26.40
CA VAL A 144 6.67 -0.07 -25.12
C VAL A 144 7.39 -0.67 -23.93
N LYS A 145 8.10 0.18 -23.16
CA LYS A 145 8.80 -0.20 -21.94
C LYS A 145 8.06 0.44 -20.72
N GLU A 146 8.48 0.10 -19.49
CA GLU A 146 7.84 0.67 -18.30
C GLU A 146 8.86 1.11 -17.29
N SER A 147 8.81 2.40 -16.90
CA SER A 147 9.74 2.92 -15.90
C SER A 147 9.37 2.39 -14.50
N LEU A 148 10.31 2.46 -13.57
CA LEU A 148 10.12 1.99 -12.22
C LEU A 148 9.02 2.73 -11.46
N SER A 149 8.72 3.97 -11.84
CA SER A 149 7.65 4.73 -11.18
C SER A 149 6.24 4.30 -11.60
N GLY A 150 6.12 3.50 -12.65
CA GLY A 150 4.84 3.05 -13.17
C GLY A 150 4.36 3.86 -14.36
N LEU A 151 5.29 4.44 -15.11
CA LEU A 151 4.98 5.27 -16.26
C LEU A 151 5.39 4.54 -17.54
N PRO A 152 4.48 4.46 -18.53
CA PRO A 152 4.83 3.77 -19.78
C PRO A 152 5.77 4.60 -20.66
N GLU A 153 6.62 3.94 -21.45
CA GLU A 153 7.58 4.60 -22.33
C GLU A 153 7.44 4.16 -23.78
N LEU A 154 7.26 5.11 -24.71
CA LEU A 154 7.13 4.81 -26.13
C LEU A 154 8.46 5.06 -26.84
N HIS A 155 9.33 4.06 -26.89
CA HIS A 155 10.63 4.19 -27.52
C HIS A 155 10.53 4.26 -29.03
N ILE A 156 10.78 5.44 -29.60
CA ILE A 156 10.71 5.69 -31.03
C ILE A 156 12.01 5.28 -31.73
N ASN A 157 12.04 4.06 -32.27
CA ASN A 157 13.21 3.55 -32.98
C ASN A 157 13.07 3.73 -34.52
N PHE A 158 13.83 2.97 -35.34
CA PHE A 158 13.77 3.07 -36.79
C PHE A 158 12.44 2.57 -37.37
N ARG A 159 11.77 1.63 -36.68
CA ARG A 159 10.48 1.08 -37.10
C ARG A 159 9.30 2.00 -36.72
N ALA A 160 9.44 2.77 -35.65
CA ALA A 160 8.38 3.66 -35.15
C ALA A 160 8.13 4.87 -36.03
N ARG A 161 6.86 5.29 -36.09
CA ARG A 161 6.42 6.44 -36.88
C ARG A 161 5.65 7.43 -36.00
N ILE A 162 5.74 8.74 -36.31
CA ILE A 162 5.04 9.78 -35.55
C ILE A 162 4.29 10.73 -36.50
N ILE A 163 2.99 10.93 -36.28
CA ILE A 163 2.19 11.83 -37.12
C ILE A 163 1.85 13.11 -36.36
N LEU A 164 2.35 14.26 -36.83
CA LEU A 164 2.06 15.54 -36.18
C LEU A 164 0.68 16.03 -36.57
N ASN A 165 -0.18 16.26 -35.57
CA ASN A 165 -1.56 16.71 -35.72
C ASN A 165 -2.35 15.84 -36.70
N PRO A 166 -2.75 14.63 -36.28
CA PRO A 166 -3.49 13.75 -37.20
C PRO A 166 -5.01 13.96 -37.16
N ASP A 167 -5.71 13.41 -38.15
CA ASP A 167 -7.17 13.50 -38.20
C ASP A 167 -7.70 12.30 -37.42
N ASP A 168 -7.69 12.40 -36.07
CA ASP A 168 -8.12 11.32 -35.20
C ASP A 168 -9.21 11.81 -34.24
N PRO A 169 -10.26 11.00 -33.97
CA PRO A 169 -11.34 11.45 -33.09
C PRO A 169 -10.95 11.60 -31.61
N ARG A 170 -9.89 10.89 -31.18
CA ARG A 170 -9.43 10.96 -29.79
C ARG A 170 -8.73 12.27 -29.43
N VAL A 171 -8.36 13.10 -30.43
CA VAL A 171 -7.69 14.37 -30.22
C VAL A 171 -8.60 15.38 -29.49
N GLU A 172 -9.91 15.34 -29.78
CA GLU A 172 -10.87 16.22 -29.11
C GLU A 172 -11.07 15.87 -27.65
N MET A 173 -10.92 14.58 -27.29
CA MET A 173 -11.10 14.11 -25.92
C MET A 173 -9.94 14.46 -24.97
N ILE A 174 -8.77 14.86 -25.51
CA ILE A 174 -7.64 15.24 -24.68
C ILE A 174 -7.87 16.63 -24.11
N PRO A 175 -7.84 16.77 -22.78
CA PRO A 175 -8.07 18.08 -22.17
C PRO A 175 -6.96 19.08 -22.49
N PRO A 176 -7.27 20.38 -22.55
CA PRO A 176 -6.23 21.37 -22.86
C PRO A 176 -5.20 21.55 -21.74
N LEU A 177 -4.02 22.07 -22.09
CA LEU A 177 -2.93 22.31 -21.14
C LEU A 177 -3.31 23.20 -19.95
N GLU A 178 -4.29 24.08 -20.15
CA GLU A 178 -4.82 25.00 -19.16
C GLU A 178 -5.51 24.24 -18.01
N GLU A 179 -6.26 23.18 -18.35
CA GLU A 179 -7.00 22.40 -17.35
C GLU A 179 -6.18 21.34 -16.62
N VAL A 180 -4.96 21.04 -17.09
CA VAL A 180 -4.13 20.01 -16.45
C VAL A 180 -3.59 20.43 -15.09
N ARG A 181 -4.05 19.76 -14.02
CA ARG A 181 -3.61 20.05 -12.66
C ARG A 181 -2.84 18.86 -12.08
N VAL A 182 -1.99 19.11 -11.07
CA VAL A 182 -1.19 18.07 -10.43
C VAL A 182 -2.07 17.17 -9.58
N ALA A 183 -2.25 15.91 -10.01
CA ALA A 183 -3.09 14.95 -9.31
C ALA A 183 -2.54 14.60 -7.93
N THR A 184 -3.33 14.87 -6.88
CA THR A 184 -2.91 14.54 -5.52
C THR A 184 -3.23 13.08 -5.16
N TYR A 185 -2.57 12.55 -4.12
CA TYR A 185 -2.77 11.17 -3.70
C TYR A 185 -4.12 10.96 -3.01
N THR A 186 -4.85 9.93 -3.46
CA THR A 186 -6.17 9.60 -2.91
C THR A 186 -6.10 8.38 -2.01
N ARG A 187 -6.71 8.46 -0.83
CA ARG A 187 -6.71 7.36 0.12
C ARG A 187 -7.60 6.23 -0.38
N LYS A 188 -7.08 5.01 -0.39
CA LYS A 188 -7.84 3.85 -0.86
C LYS A 188 -7.39 2.58 -0.12
N LYS A 189 -8.36 1.78 0.36
CA LYS A 189 -8.05 0.54 1.07
C LYS A 189 -7.52 -0.53 0.10
N ILE A 190 -6.69 -1.46 0.59
CA ILE A 190 -6.14 -2.53 -0.25
C ILE A 190 -7.23 -3.46 -0.82
N LYS A 191 -8.34 -3.59 -0.10
CA LYS A 191 -9.49 -4.36 -0.54
C LYS A 191 -10.04 -3.81 -1.86
N ASP A 192 -9.99 -2.48 -2.04
CA ASP A 192 -10.49 -1.83 -3.25
C ASP A 192 -9.42 -1.52 -4.31
N ILE A 193 -8.14 -1.88 -4.07
CA ILE A 193 -7.07 -1.62 -5.02
C ILE A 193 -7.17 -2.53 -6.25
N GLU A 194 -7.22 -1.90 -7.43
CA GLU A 194 -7.29 -2.59 -8.71
C GLU A 194 -5.97 -2.38 -9.51
N ALA A 195 -5.79 -3.17 -10.58
CA ALA A 195 -4.60 -3.04 -11.42
C ALA A 195 -4.75 -1.79 -12.28
N GLY A 196 -3.69 -1.01 -12.40
CA GLY A 196 -3.71 0.20 -13.20
C GLY A 196 -4.12 1.46 -12.46
N ASP A 197 -4.27 1.39 -11.14
CA ASP A 197 -4.63 2.56 -10.33
C ASP A 197 -3.44 3.52 -10.25
N ARG A 198 -3.69 4.82 -10.23
CA ARG A 198 -2.61 5.81 -10.16
C ARG A 198 -2.83 6.81 -9.03
N PHE A 199 -1.74 7.22 -8.37
CA PHE A 199 -1.70 8.17 -7.25
C PHE A 199 -2.57 7.72 -6.09
N VAL A 200 -2.18 6.62 -5.46
CA VAL A 200 -2.94 6.05 -4.35
C VAL A 200 -2.14 6.11 -3.05
N GLU A 201 -2.74 6.63 -1.97
CA GLU A 201 -2.09 6.68 -0.67
C GLU A 201 -2.63 5.53 0.19
N VAL A 202 -1.77 4.60 0.60
CA VAL A 202 -2.19 3.45 1.40
C VAL A 202 -1.47 3.41 2.74
N ARG A 203 -2.24 3.35 3.84
CA ARG A 203 -1.64 3.25 5.17
C ARG A 203 -1.79 1.81 5.63
N GLY A 204 -0.67 1.16 5.95
CA GLY A 204 -0.66 -0.22 6.39
C GLY A 204 0.53 -0.60 7.23
N THR A 205 0.69 -1.90 7.51
CA THR A 205 1.79 -2.42 8.32
C THR A 205 2.65 -3.36 7.49
N ILE A 206 3.98 -3.34 7.68
CA ILE A 206 4.86 -4.25 6.96
C ILE A 206 4.68 -5.66 7.51
N ALA A 207 4.34 -6.62 6.64
CA ALA A 207 4.09 -8.00 7.07
C ALA A 207 5.18 -8.98 6.66
N LYS A 208 5.95 -8.66 5.62
CA LYS A 208 7.05 -9.53 5.18
C LYS A 208 7.97 -8.76 4.23
N VAL A 209 9.27 -9.03 4.28
CA VAL A 209 10.22 -8.41 3.37
C VAL A 209 10.74 -9.42 2.34
N TYR A 210 10.51 -9.14 1.05
CA TYR A 210 10.90 -10.03 -0.03
C TYR A 210 12.37 -9.88 -0.45
N ARG A 211 12.78 -8.72 -1.01
CA ARG A 211 14.15 -8.53 -1.49
C ARG A 211 14.70 -7.14 -1.23
N VAL A 212 16.01 -7.05 -0.95
CA VAL A 212 16.70 -5.79 -0.77
C VAL A 212 17.92 -5.83 -1.68
N LEU A 213 17.90 -5.04 -2.75
CA LEU A 213 19.01 -5.01 -3.70
C LEU A 213 19.15 -3.62 -4.33
N THR A 214 20.26 -3.38 -5.06
CA THR A 214 20.50 -2.10 -5.67
C THR A 214 20.52 -2.15 -7.19
N TYR A 215 20.19 -1.02 -7.82
CA TYR A 215 20.15 -0.92 -9.27
C TYR A 215 20.94 0.30 -9.76
N ASP A 216 21.50 0.21 -10.97
CA ASP A 216 22.25 1.32 -11.54
C ASP A 216 21.29 2.39 -12.00
N ALA A 217 21.52 3.64 -11.60
CA ALA A 217 20.61 4.74 -11.91
C ALA A 217 21.32 6.05 -12.29
N CYS A 218 20.60 6.96 -12.97
CA CYS A 218 21.07 8.27 -13.43
C CYS A 218 21.41 9.14 -12.21
N PRO A 219 22.57 9.82 -12.23
CA PRO A 219 22.94 10.67 -11.08
C PRO A 219 22.25 12.04 -11.00
N GLU A 220 21.34 12.33 -11.93
CA GLU A 220 20.64 13.62 -11.94
C GLU A 220 19.13 13.44 -11.74
N CYS A 221 18.50 12.52 -12.47
CA CYS A 221 17.06 12.30 -12.32
C CYS A 221 16.70 11.07 -11.46
N LYS A 222 17.70 10.27 -11.07
CA LYS A 222 17.52 9.08 -10.21
C LYS A 222 16.60 8.03 -10.85
N LYS A 223 16.86 7.70 -12.12
CA LYS A 223 16.05 6.75 -12.90
C LYS A 223 16.91 5.59 -13.40
N LYS A 224 16.36 4.37 -13.48
CA LYS A 224 17.11 3.20 -13.94
C LYS A 224 17.75 3.34 -15.31
N VAL A 225 19.06 3.07 -15.38
CA VAL A 225 19.78 3.13 -16.64
C VAL A 225 19.95 1.72 -17.20
N ASP A 226 19.89 1.62 -18.52
CA ASP A 226 20.01 0.33 -19.20
C ASP A 226 21.40 0.23 -19.83
N TYR A 227 22.05 -0.95 -19.72
CA TYR A 227 23.37 -1.14 -20.28
C TYR A 227 23.34 -1.63 -21.71
N ASP A 228 23.82 -0.80 -22.64
CA ASP A 228 23.87 -1.18 -24.05
C ASP A 228 25.14 -1.98 -24.26
N GLU A 229 25.01 -3.27 -24.58
CA GLU A 229 26.17 -4.13 -24.81
C GLU A 229 26.88 -3.83 -26.14
N GLY A 230 26.12 -3.36 -27.13
CA GLY A 230 26.65 -3.02 -28.44
C GLY A 230 27.39 -1.69 -28.49
N LEU A 231 27.25 -0.86 -27.45
CA LEU A 231 27.93 0.45 -27.37
C LEU A 231 28.94 0.50 -26.22
N GLY A 232 28.61 -0.16 -25.11
CA GLY A 232 29.45 -0.23 -23.93
C GLY A 232 29.20 0.89 -22.92
N VAL A 233 28.07 1.60 -23.05
CA VAL A 233 27.76 2.71 -22.14
C VAL A 233 26.39 2.56 -21.49
N TRP A 234 26.19 3.23 -20.34
CA TRP A 234 24.91 3.23 -19.64
C TRP A 234 24.14 4.44 -20.14
N ILE A 235 22.99 4.23 -20.77
CA ILE A 235 22.23 5.34 -21.33
C ILE A 235 20.90 5.58 -20.60
N CYS A 236 20.79 6.79 -20.04
CA CYS A 236 19.58 7.25 -19.37
C CYS A 236 18.64 7.73 -20.47
N PRO A 237 17.36 7.35 -20.39
CA PRO A 237 16.40 7.79 -21.43
C PRO A 237 15.93 9.23 -21.25
N GLU A 238 16.82 10.12 -20.78
CA GLU A 238 16.55 11.54 -20.57
C GLU A 238 17.83 12.37 -20.50
N HIS A 239 18.97 11.77 -20.10
CA HIS A 239 20.23 12.50 -20.00
C HIS A 239 21.40 11.89 -20.80
N GLY A 240 21.09 10.93 -21.68
CA GLY A 240 22.08 10.29 -22.52
C GLY A 240 23.11 9.46 -21.78
N GLU A 241 24.36 9.56 -22.21
CA GLU A 241 25.47 8.82 -21.63
C GLU A 241 25.80 9.35 -20.25
N VAL A 242 25.48 8.59 -19.18
CA VAL A 242 25.75 9.01 -17.81
C VAL A 242 26.50 7.94 -16.99
N GLN A 243 27.17 8.36 -15.91
CA GLN A 243 27.88 7.46 -15.01
C GLN A 243 26.84 6.98 -13.99
N PRO A 244 26.57 5.67 -13.94
CA PRO A 244 25.54 5.18 -13.02
C PRO A 244 25.92 5.14 -11.54
N ILE A 245 24.93 5.42 -10.68
CA ILE A 245 25.07 5.41 -9.21
C ILE A 245 24.13 4.35 -8.59
N LYS A 246 24.42 3.95 -7.35
CA LYS A 246 23.59 2.95 -6.67
C LYS A 246 22.39 3.55 -5.95
N MET A 247 21.25 2.86 -6.03
CA MET A 247 20.01 3.23 -5.38
C MET A 247 19.28 1.98 -4.89
N THR A 248 18.62 2.09 -3.75
CA THR A 248 17.97 0.94 -3.11
C THR A 248 16.57 0.62 -3.63
N ILE A 249 16.26 -0.70 -3.72
CA ILE A 249 14.95 -1.26 -4.09
C ILE A 249 14.50 -2.08 -2.89
N LEU A 250 13.32 -1.76 -2.33
CA LEU A 250 12.83 -2.49 -1.17
C LEU A 250 11.48 -3.14 -1.47
N ASP A 251 11.46 -4.47 -1.65
CA ASP A 251 10.22 -5.18 -1.89
C ASP A 251 9.70 -5.72 -0.57
N PHE A 252 8.48 -5.35 -0.20
CA PHE A 252 7.87 -5.80 1.04
C PHE A 252 6.33 -5.90 0.91
N GLY A 253 5.65 -6.41 1.93
CA GLY A 253 4.21 -6.55 1.89
C GLY A 253 3.49 -5.64 2.86
N LEU A 254 2.40 -5.01 2.42
CA LEU A 254 1.63 -4.11 3.28
C LEU A 254 0.32 -4.74 3.72
N ASP A 255 -0.14 -4.45 4.94
CA ASP A 255 -1.36 -5.03 5.48
C ASP A 255 -2.18 -4.02 6.25
N ASP A 256 -3.36 -3.66 5.73
CA ASP A 256 -4.23 -2.69 6.42
C ASP A 256 -5.45 -3.29 7.10
N GLY A 257 -5.47 -4.60 7.28
CA GLY A 257 -6.59 -5.28 7.89
C GLY A 257 -7.62 -5.74 6.87
N THR A 258 -7.73 -5.03 5.74
CA THR A 258 -8.68 -5.38 4.70
C THR A 258 -8.06 -6.11 3.49
N GLY A 259 -6.75 -6.00 3.33
CA GLY A 259 -6.06 -6.65 2.22
C GLY A 259 -4.56 -6.68 2.37
N TYR A 260 -3.87 -7.30 1.40
CA TYR A 260 -2.41 -7.42 1.36
C TYR A 260 -1.89 -7.08 -0.04
N ILE A 261 -0.81 -6.30 -0.14
CA ILE A 261 -0.25 -5.94 -1.44
C ILE A 261 1.26 -5.76 -1.40
N ARG A 262 1.95 -6.15 -2.47
CA ARG A 262 3.40 -6.04 -2.56
C ARG A 262 3.77 -4.60 -2.92
N VAL A 263 4.65 -3.98 -2.12
CA VAL A 263 5.07 -2.59 -2.30
C VAL A 263 6.57 -2.55 -2.63
N THR A 264 7.00 -1.63 -3.51
CA THR A 264 8.41 -1.47 -3.89
C THR A 264 8.88 -0.02 -3.64
N LEU A 265 9.99 0.16 -2.92
CA LEU A 265 10.51 1.49 -2.62
C LEU A 265 11.69 1.91 -3.50
N PHE A 266 11.92 3.23 -3.67
CA PHE A 266 13.00 3.70 -4.55
C PHE A 266 13.94 4.77 -4.01
N GLY A 267 15.23 4.51 -4.17
CA GLY A 267 16.35 5.39 -3.84
C GLY A 267 16.40 6.02 -2.44
N ASP A 268 16.26 7.35 -2.40
CA ASP A 268 16.32 8.15 -1.17
C ASP A 268 15.23 7.79 -0.16
N ASP A 269 14.08 7.28 -0.64
CA ASP A 269 12.99 6.88 0.23
C ASP A 269 13.26 5.50 0.84
N ALA A 270 13.86 4.58 0.06
CA ALA A 270 14.20 3.25 0.53
C ALA A 270 15.39 3.28 1.50
N GLU A 271 16.36 4.17 1.24
CA GLU A 271 17.51 4.35 2.12
C GLU A 271 17.04 4.90 3.49
N GLU A 272 16.02 5.76 3.49
CA GLU A 272 15.42 6.38 4.68
C GLU A 272 14.76 5.34 5.57
N LEU A 273 14.10 4.34 4.97
CA LEU A 273 13.39 3.31 5.72
C LEU A 273 14.35 2.24 6.26
N LEU A 274 15.34 1.84 5.45
CA LEU A 274 16.28 0.81 5.86
C LEU A 274 17.35 1.31 6.81
N GLY A 275 17.83 2.53 6.57
CA GLY A 275 18.90 3.11 7.39
C GLY A 275 20.30 2.81 6.91
N VAL A 276 20.44 1.99 5.86
CA VAL A 276 21.72 1.62 5.29
C VAL A 276 21.86 2.23 3.91
N SER A 277 23.01 2.84 3.61
CA SER A 277 23.27 3.47 2.32
C SER A 277 23.25 2.44 1.17
N PRO A 278 22.89 2.86 -0.06
CA PRO A 278 22.86 1.91 -1.18
C PRO A 278 24.23 1.34 -1.57
N GLU A 279 25.30 2.07 -1.28
CA GLU A 279 26.66 1.59 -1.57
C GLU A 279 27.03 0.43 -0.64
N GLU A 280 26.54 0.46 0.61
CA GLU A 280 26.75 -0.58 1.61
C GLU A 280 25.87 -1.81 1.29
N ILE A 281 24.67 -1.59 0.75
CA ILE A 281 23.77 -2.67 0.35
C ILE A 281 24.34 -3.42 -0.84
N ALA A 282 24.89 -2.68 -1.82
CA ALA A 282 25.52 -3.26 -3.01
C ALA A 282 26.70 -4.15 -2.62
N GLU A 283 27.46 -3.75 -1.60
CA GLU A 283 28.61 -4.49 -1.08
C GLU A 283 28.14 -5.78 -0.40
N LYS A 284 27.05 -5.72 0.37
CA LYS A 284 26.50 -6.89 1.05
C LYS A 284 25.93 -7.90 0.05
N ILE A 285 25.41 -7.43 -1.09
CA ILE A 285 24.90 -8.29 -2.14
C ILE A 285 26.04 -9.00 -2.87
N LYS A 286 27.15 -8.29 -3.10
CA LYS A 286 28.37 -8.81 -3.75
C LYS A 286 28.92 -9.98 -2.93
N GLU A 287 28.94 -9.84 -1.60
CA GLU A 287 29.45 -10.87 -0.69
C GLU A 287 28.59 -12.13 -0.72
N LEU A 288 27.27 -11.96 -0.87
CA LEU A 288 26.36 -13.10 -0.94
C LEU A 288 26.40 -13.77 -2.31
N GLU A 289 26.63 -12.99 -3.38
CA GLU A 289 26.74 -13.53 -4.74
C GLU A 289 28.00 -14.39 -4.89
N GLU A 290 29.09 -14.00 -4.22
CA GLU A 290 30.36 -14.72 -4.24
C GLU A 290 30.24 -16.08 -3.55
N SER A 291 29.39 -16.17 -2.51
CA SER A 291 29.19 -17.41 -1.77
C SER A 291 28.45 -18.52 -2.54
N GLY A 292 27.89 -18.19 -3.71
CA GLY A 292 27.17 -19.14 -4.53
C GLY A 292 25.70 -18.83 -4.75
N LEU A 293 25.21 -17.73 -4.16
CA LEU A 293 23.81 -17.34 -4.30
C LEU A 293 23.61 -16.48 -5.54
N THR A 294 22.47 -16.64 -6.20
CA THR A 294 22.15 -15.85 -7.39
C THR A 294 21.74 -14.41 -6.99
N THR A 295 21.59 -13.49 -7.96
CA THR A 295 21.20 -12.11 -7.66
C THR A 295 19.89 -12.02 -6.86
N LYS A 296 18.90 -12.86 -7.20
CA LYS A 296 17.62 -12.85 -6.49
C LYS A 296 17.68 -13.58 -5.14
N GLU A 297 18.54 -14.60 -5.02
CA GLU A 297 18.71 -15.32 -3.76
C GLU A 297 19.42 -14.43 -2.73
N ALA A 298 20.42 -13.67 -3.17
CA ALA A 298 21.17 -12.77 -2.32
C ALA A 298 20.28 -11.64 -1.83
N ALA A 299 19.42 -11.10 -2.71
CA ALA A 299 18.51 -10.03 -2.34
C ALA A 299 17.48 -10.51 -1.31
N ARG A 300 17.02 -11.76 -1.45
CA ARG A 300 16.04 -12.34 -0.54
C ARG A 300 16.69 -12.66 0.81
N LYS A 301 17.93 -13.16 0.80
CA LYS A 301 18.63 -13.49 2.04
C LYS A 301 18.92 -12.24 2.87
N LEU A 302 19.44 -11.19 2.22
CA LEU A 302 19.77 -9.92 2.88
C LEU A 302 18.56 -9.30 3.56
N ALA A 303 17.40 -9.42 2.91
CA ALA A 303 16.15 -8.88 3.42
C ALA A 303 15.68 -9.60 4.68
N GLU A 304 15.91 -10.91 4.77
CA GLU A 304 15.45 -11.68 5.92
C GLU A 304 16.45 -11.73 7.06
N ASP A 305 17.75 -11.63 6.76
CA ASP A 305 18.78 -11.70 7.78
C ASP A 305 19.25 -10.34 8.33
N GLU A 306 18.98 -9.24 7.62
CA GLU A 306 19.43 -7.92 8.07
C GLU A 306 18.32 -6.89 8.22
N PHE A 307 17.33 -6.92 7.32
CA PHE A 307 16.26 -5.94 7.36
C PHE A 307 14.93 -6.49 7.86
N TYR A 308 14.98 -7.45 8.77
CA TYR A 308 13.79 -8.06 9.37
C TYR A 308 13.13 -7.20 10.46
N ASN A 309 13.82 -6.15 10.93
CA ASN A 309 13.35 -5.26 11.98
C ASN A 309 12.24 -4.34 11.55
N ILE A 310 12.19 -3.98 10.24
CA ILE A 310 11.13 -3.11 9.71
C ILE A 310 9.76 -3.79 9.66
N ILE A 311 9.72 -5.13 9.74
CA ILE A 311 8.49 -5.90 9.72
C ILE A 311 7.72 -5.63 11.01
N GLY A 312 6.51 -5.12 10.88
CA GLY A 312 5.65 -4.78 12.00
C GLY A 312 5.51 -3.29 12.26
N ARG A 313 6.12 -2.46 11.41
CA ARG A 313 6.05 -1.01 11.56
C ARG A 313 4.95 -0.45 10.66
N GLU A 314 4.10 0.42 11.21
CA GLU A 314 3.02 1.05 10.46
C GLU A 314 3.59 2.22 9.65
N ILE A 315 3.49 2.17 8.32
CA ILE A 315 4.02 3.22 7.44
C ILE A 315 3.00 3.64 6.37
N VAL A 316 3.19 4.82 5.77
CA VAL A 316 2.30 5.30 4.72
C VAL A 316 3.04 5.29 3.39
N VAL A 317 2.47 4.64 2.37
CA VAL A 317 3.10 4.61 1.05
C VAL A 317 2.24 5.29 0.00
N ARG A 318 2.87 5.91 -1.00
CA ARG A 318 2.14 6.63 -2.05
C ARG A 318 2.75 6.33 -3.41
N GLY A 319 1.94 5.79 -4.33
CA GLY A 319 2.42 5.47 -5.66
C GLY A 319 1.36 4.87 -6.56
N ASN A 320 1.79 4.36 -7.71
CA ASN A 320 0.87 3.76 -8.67
C ASN A 320 0.84 2.24 -8.54
N VAL A 321 -0.30 1.62 -8.81
CA VAL A 321 -0.44 0.17 -8.73
C VAL A 321 -0.35 -0.44 -10.12
N ILE A 322 0.68 -1.24 -10.37
CA ILE A 322 0.83 -1.91 -11.66
C ILE A 322 0.69 -3.41 -11.51
N GLU A 323 0.31 -4.10 -12.58
CA GLU A 323 0.15 -5.55 -12.53
C GLU A 323 1.26 -6.27 -13.26
N ASP A 324 2.09 -6.98 -12.50
CA ASP A 324 3.19 -7.75 -13.03
C ASP A 324 2.67 -9.09 -13.55
N ARG A 325 3.24 -9.57 -14.65
CA ARG A 325 2.87 -10.84 -15.30
C ARG A 325 3.24 -12.10 -14.47
N PHE A 326 3.94 -11.92 -13.35
CA PHE A 326 4.39 -13.05 -12.54
C PHE A 326 4.34 -12.75 -11.04
N LEU A 327 4.47 -11.48 -10.64
CA LEU A 327 4.44 -11.10 -9.23
C LEU A 327 3.11 -10.51 -8.74
N GLY A 328 2.08 -10.55 -9.58
CA GLY A 328 0.75 -10.05 -9.25
C GLY A 328 0.68 -8.54 -9.12
N LEU A 329 -0.13 -8.05 -8.18
CA LEU A 329 -0.30 -6.62 -7.98
C LEU A 329 0.86 -6.01 -7.21
N ILE A 330 1.54 -5.03 -7.81
CA ILE A 330 2.65 -4.33 -7.18
C ILE A 330 2.40 -2.83 -7.11
N LEU A 331 2.35 -2.31 -5.88
CA LEU A 331 2.18 -0.88 -5.63
C LEU A 331 3.58 -0.28 -5.62
N ARG A 332 4.03 0.27 -6.75
CA ARG A 332 5.35 0.86 -6.85
C ARG A 332 5.33 2.25 -6.24
N ALA A 333 5.55 2.31 -4.92
CA ALA A 333 5.54 3.56 -4.17
C ALA A 333 6.75 4.43 -4.44
N SER A 334 6.50 5.61 -4.98
CA SER A 334 7.56 6.57 -5.26
C SER A 334 8.05 7.19 -3.94
N SER A 335 7.11 7.50 -3.03
CA SER A 335 7.46 8.13 -1.76
C SER A 335 6.77 7.46 -0.55
N TRP A 336 7.36 7.60 0.63
CA TRP A 336 6.77 7.07 1.85
C TRP A 336 6.91 8.08 2.99
N GLU A 337 5.98 8.04 3.95
CA GLU A 337 6.03 8.95 5.09
C GLU A 337 5.53 8.30 6.37
N ASP A 338 5.93 8.87 7.52
CA ASP A 338 5.49 8.37 8.81
C ASP A 338 4.00 8.63 9.00
N VAL A 339 3.31 7.72 9.67
CA VAL A 339 1.87 7.83 9.89
C VAL A 339 1.50 9.07 10.70
N ASP A 340 0.67 9.95 10.12
CA ASP A 340 0.19 11.11 10.87
C ASP A 340 -0.92 10.55 11.74
N TYR A 341 -0.58 10.22 12.99
CA TYR A 341 -1.51 9.61 13.94
C TYR A 341 -2.74 10.44 14.24
N ARG A 342 -2.59 11.75 14.34
CA ARG A 342 -3.73 12.63 14.60
C ARG A 342 -4.68 12.67 13.40
N ARG A 343 -4.15 12.58 12.19
CA ARG A 343 -4.95 12.57 10.96
C ARG A 343 -5.64 11.22 10.78
N GLU A 344 -4.93 10.12 11.09
CA GLU A 344 -5.48 8.77 10.97
C GLU A 344 -6.58 8.51 12.01
N ILE A 345 -6.52 9.17 13.17
CA ILE A 345 -7.55 9.04 14.19
C ILE A 345 -8.84 9.74 13.71
N GLU A 346 -8.71 10.90 13.03
CA GLU A 346 -9.86 11.64 12.50
C GLU A 346 -10.58 10.86 11.40
N ARG A 347 -9.85 10.04 10.63
CA ARG A 347 -10.47 9.21 9.59
C ARG A 347 -11.38 8.16 10.22
N ILE A 348 -10.96 7.60 11.37
CA ILE A 348 -11.70 6.59 12.11
C ILE A 348 -12.95 7.20 12.73
N LYS A 349 -12.81 8.40 13.31
CA LYS A 349 -13.93 9.12 13.91
C LYS A 349 -15.08 9.33 12.94
N GLU A 350 -14.75 9.65 11.67
CA GLU A 350 -15.73 9.85 10.61
C GLU A 350 -16.48 8.57 10.30
N GLU A 351 -15.78 7.43 10.32
CA GLU A 351 -16.40 6.13 10.08
C GLU A 351 -17.24 5.66 11.27
N LEU A 352 -16.91 6.10 12.49
CA LEU A 352 -17.69 5.79 13.69
C LEU A 352 -19.05 6.50 13.64
N GLU A 353 -19.09 7.72 13.06
CA GLU A 353 -20.32 8.49 12.89
C GLU A 353 -21.28 7.81 11.90
N LYS A 354 -20.74 7.10 10.89
CA LYS A 354 -21.53 6.35 9.90
C LYS A 354 -22.21 5.16 10.57
N LEU A 355 -21.51 4.49 11.50
CA LEU A 355 -22.05 3.32 12.21
C LEU A 355 -23.13 3.69 13.25
N GLY A 356 -23.10 4.93 13.73
CA GLY A 356 -24.04 5.40 14.74
C GLY A 356 -23.43 5.47 16.13
N VAL A 357 -22.10 5.49 16.21
CA VAL A 357 -21.36 5.54 17.46
C VAL A 357 -21.35 6.97 18.01
N MET A 358 -21.03 7.95 17.15
CA MET A 358 -20.95 9.34 17.58
C MET A 358 -21.96 10.19 16.84
N SER B 2 -5.00 -17.77 -7.47
CA SER B 2 -4.68 -19.07 -6.87
C SER B 2 -3.86 -18.87 -5.58
N LYS B 3 -2.83 -18.02 -5.65
CA LYS B 3 -1.96 -17.70 -4.53
C LYS B 3 -2.56 -16.54 -3.76
N LYS B 4 -3.32 -16.84 -2.68
CA LYS B 4 -3.98 -15.79 -1.90
C LYS B 4 -3.46 -15.69 -0.48
N ARG B 5 -3.15 -14.47 -0.03
CA ARG B 5 -2.69 -14.27 1.35
C ARG B 5 -3.76 -13.54 2.14
N MET B 6 -4.22 -14.16 3.24
CA MET B 6 -5.26 -13.58 4.08
C MET B 6 -4.74 -12.41 4.90
N PRO B 7 -5.50 -11.31 4.95
CA PRO B 7 -5.03 -10.16 5.74
C PRO B 7 -5.18 -10.35 7.24
N ALA B 8 -4.21 -9.82 8.00
CA ALA B 8 -4.20 -9.89 9.45
C ALA B 8 -5.32 -9.04 10.02
N THR B 9 -6.04 -9.60 10.98
CA THR B 9 -7.15 -8.89 11.60
C THR B 9 -6.69 -8.26 12.92
N ARG B 10 -6.87 -6.93 13.04
CA ARG B 10 -6.48 -6.19 14.23
C ARG B 10 -7.47 -6.45 15.35
N LEU B 11 -7.04 -7.25 16.34
CA LEU B 11 -7.90 -7.66 17.43
C LEU B 11 -7.28 -7.46 18.81
N TYR B 12 -8.12 -7.44 19.86
CA TYR B 12 -7.66 -7.37 21.23
C TYR B 12 -7.09 -8.76 21.61
N ILE B 13 -6.17 -8.82 22.58
CA ILE B 13 -5.61 -10.10 23.00
C ILE B 13 -6.68 -10.99 23.64
N LYS B 14 -7.57 -10.37 24.44
CA LYS B 14 -8.69 -11.04 25.11
C LYS B 14 -9.58 -11.78 24.11
N ASP B 15 -9.82 -11.19 22.94
CA ASP B 15 -10.65 -11.80 21.90
C ASP B 15 -9.99 -13.06 21.31
N ILE B 16 -8.66 -13.06 21.19
CA ILE B 16 -7.89 -14.18 20.68
C ILE B 16 -7.88 -15.32 21.71
N LEU B 17 -7.73 -14.98 22.99
CA LEU B 17 -7.71 -15.97 24.05
C LEU B 17 -9.11 -16.58 24.23
N GLU B 18 -10.15 -15.74 24.17
CA GLU B 18 -11.54 -16.20 24.30
C GLU B 18 -12.13 -16.87 23.04
N GLY B 19 -11.37 -16.90 21.96
CA GLY B 19 -11.82 -17.50 20.70
C GLY B 19 -11.70 -19.01 20.67
N TYR B 20 -12.00 -19.60 19.51
CA TYR B 20 -11.95 -21.04 19.34
C TYR B 20 -11.01 -21.41 18.19
N PHE B 21 -9.87 -22.03 18.51
CA PHE B 21 -8.87 -22.40 17.52
C PHE B 21 -9.30 -23.60 16.69
N VAL B 22 -9.30 -23.45 15.36
CA VAL B 22 -9.68 -24.52 14.44
C VAL B 22 -8.46 -24.96 13.62
N LYS B 23 -7.82 -26.06 14.03
CA LYS B 23 -6.64 -26.60 13.35
C LYS B 23 -7.07 -27.31 12.08
N SER B 24 -6.73 -26.75 10.91
CA SER B 24 -7.11 -27.33 9.63
C SER B 24 -6.31 -28.57 9.30
N GLU B 25 -7.02 -29.69 9.06
CA GLU B 25 -6.39 -30.96 8.73
C GLU B 25 -5.88 -31.01 7.28
N GLY B 26 -6.56 -30.31 6.38
CA GLY B 26 -6.20 -30.26 4.98
C GLY B 26 -4.91 -29.51 4.71
N ASP B 27 -4.16 -29.96 3.70
CA ASP B 27 -2.90 -29.34 3.34
C ASP B 27 -3.07 -27.97 2.69
N PHE B 28 -4.21 -27.74 2.01
CA PHE B 28 -4.45 -26.47 1.35
C PHE B 28 -5.33 -25.54 2.19
N GLU B 29 -5.31 -25.69 3.51
CA GLU B 29 -6.12 -24.87 4.40
C GLU B 29 -5.31 -24.46 5.62
N PRO B 30 -5.31 -23.16 5.95
CA PRO B 30 -4.55 -22.71 7.12
C PRO B 30 -5.36 -22.71 8.41
N ASN B 31 -4.67 -22.61 9.55
CA ASN B 31 -5.33 -22.59 10.85
C ASN B 31 -5.97 -21.23 11.09
N TYR B 32 -7.19 -21.22 11.61
CA TYR B 32 -7.89 -19.98 11.91
C TYR B 32 -8.57 -20.01 13.27
N LEU B 33 -8.82 -18.85 13.85
CA LEU B 33 -9.49 -18.77 15.15
C LEU B 33 -10.77 -17.99 15.01
N ILE B 34 -11.88 -18.57 15.43
CA ILE B 34 -13.17 -17.90 15.37
C ILE B 34 -13.52 -17.37 16.74
N THR B 35 -13.59 -16.03 16.89
CA THR B 35 -13.90 -15.40 18.17
C THR B 35 -15.37 -15.61 18.57
N LYS B 36 -15.73 -15.30 19.84
CA LYS B 36 -17.10 -15.44 20.34
C LYS B 36 -18.13 -14.66 19.51
N TYR B 37 -17.70 -13.59 18.82
CA TYR B 37 -18.62 -12.81 17.99
C TYR B 37 -18.56 -13.20 16.51
N ALA B 38 -18.28 -14.48 16.23
CA ALA B 38 -18.20 -15.10 14.89
C ALA B 38 -17.25 -14.37 13.93
N ARG B 39 -15.99 -14.15 14.36
CA ARG B 39 -15.01 -13.51 13.50
C ARG B 39 -13.90 -14.47 13.14
N LYS B 40 -13.91 -14.96 11.91
CA LYS B 40 -12.90 -15.89 11.40
C LYS B 40 -11.61 -15.10 11.20
N VAL B 41 -10.62 -15.30 12.08
CA VAL B 41 -9.36 -14.56 12.01
C VAL B 41 -8.20 -15.49 11.70
N TYR B 42 -7.48 -15.21 10.61
CA TYR B 42 -6.34 -16.04 10.23
C TYR B 42 -5.05 -15.53 10.89
N ARG B 43 -4.71 -14.25 10.65
CA ARG B 43 -3.52 -13.65 11.23
C ARG B 43 -3.89 -12.63 12.27
N ALA B 44 -3.15 -12.60 13.38
CA ALA B 44 -3.42 -11.65 14.45
C ALA B 44 -2.54 -10.42 14.33
N LYS B 45 -3.08 -9.28 14.75
CA LYS B 45 -2.34 -8.02 14.72
C LYS B 45 -2.59 -7.31 16.05
N ILE B 46 -1.67 -7.47 17.01
CA ILE B 46 -1.83 -6.87 18.34
C ILE B 46 -0.78 -5.78 18.62
N VAL B 47 -1.10 -4.85 19.52
CA VAL B 47 -0.21 -3.76 19.92
C VAL B 47 -0.20 -3.70 21.44
N GLY B 48 0.95 -3.93 22.06
CA GLY B 48 1.04 -3.93 23.52
C GLY B 48 2.44 -3.75 24.07
N THR B 49 2.57 -3.83 25.40
CA THR B 49 3.84 -3.65 26.11
C THR B 49 4.43 -5.01 26.51
N VAL B 50 5.74 -5.21 26.29
CA VAL B 50 6.43 -6.45 26.66
C VAL B 50 6.67 -6.42 28.17
N VAL B 51 5.96 -7.26 28.94
CA VAL B 51 6.06 -7.24 30.40
C VAL B 51 7.28 -7.96 30.99
N ARG B 52 7.88 -8.89 30.26
CA ARG B 52 9.04 -9.63 30.77
C ARG B 52 10.18 -9.71 29.78
N GLU B 53 11.42 -9.86 30.25
CA GLU B 53 12.60 -9.96 29.41
C GLU B 53 12.49 -11.23 28.56
N PRO B 54 12.72 -11.12 27.24
CA PRO B 54 12.55 -12.29 26.37
C PRO B 54 13.39 -13.52 26.74
N LEU B 55 12.79 -14.69 26.56
CA LEU B 55 13.45 -15.95 26.85
C LEU B 55 14.11 -16.45 25.57
N ILE B 56 15.43 -16.29 25.48
CA ILE B 56 16.17 -16.76 24.31
C ILE B 56 17.00 -17.98 24.72
N ALA B 57 16.85 -19.10 24.00
CA ALA B 57 17.60 -20.32 24.30
C ALA B 57 19.12 -20.16 24.05
N GLU B 58 19.95 -21.02 24.67
CA GLU B 58 21.40 -20.98 24.50
C GLU B 58 21.80 -21.35 23.07
N ASP B 59 21.09 -22.33 22.50
CA ASP B 59 21.33 -22.81 21.13
C ASP B 59 20.47 -22.10 20.06
N GLU B 60 19.81 -20.98 20.42
CA GLU B 60 18.97 -20.16 19.56
C GLU B 60 17.93 -20.94 18.75
N THR B 61 17.22 -21.88 19.41
CA THR B 61 16.19 -22.66 18.72
C THR B 61 14.79 -22.08 18.92
N TYR B 62 14.57 -21.37 20.04
CA TYR B 62 13.28 -20.75 20.29
C TYR B 62 13.41 -19.45 21.07
N GLY B 63 12.52 -18.52 20.78
CA GLY B 63 12.48 -17.22 21.41
C GLY B 63 11.06 -16.81 21.71
N LYS B 64 10.78 -16.50 22.97
CA LYS B 64 9.42 -16.12 23.36
C LYS B 64 9.38 -14.91 24.27
N PHE B 65 8.31 -14.12 24.16
CA PHE B 65 8.13 -12.93 24.99
C PHE B 65 6.65 -12.68 25.26
N GLN B 66 6.33 -12.11 26.44
CA GLN B 66 4.95 -11.85 26.80
C GLN B 66 4.50 -10.44 26.42
N VAL B 67 3.35 -10.33 25.76
CA VAL B 67 2.82 -9.06 25.33
C VAL B 67 1.52 -8.76 26.06
N ASP B 68 1.37 -7.55 26.60
CA ASP B 68 0.18 -7.16 27.35
C ASP B 68 -0.42 -5.86 26.80
N ASP B 69 -1.68 -5.92 26.34
CA ASP B 69 -2.37 -4.74 25.82
C ASP B 69 -3.44 -4.16 26.78
N GLY B 70 -3.66 -4.81 27.91
CA GLY B 70 -4.65 -4.40 28.89
C GLY B 70 -5.76 -5.42 29.01
N THR B 71 -6.18 -6.00 27.87
CA THR B 71 -7.23 -7.00 27.86
C THR B 71 -6.71 -8.40 28.18
N GLY B 72 -5.47 -8.69 27.82
CA GLY B 72 -4.88 -9.99 28.08
C GLY B 72 -3.40 -10.07 27.82
N VAL B 73 -2.77 -11.16 28.27
CA VAL B 73 -1.35 -11.38 28.06
C VAL B 73 -1.18 -12.59 27.17
N ILE B 74 -0.53 -12.43 26.02
CA ILE B 74 -0.31 -13.55 25.11
C ILE B 74 1.19 -13.84 24.92
N TRP B 75 1.51 -15.06 24.52
CA TRP B 75 2.89 -15.45 24.28
C TRP B 75 3.21 -15.31 22.80
N VAL B 76 4.39 -14.78 22.48
CA VAL B 76 4.81 -14.62 21.09
C VAL B 76 6.02 -15.49 20.84
N LEU B 77 5.94 -16.47 19.92
CA LEU B 77 7.05 -17.38 19.68
C LEU B 77 7.62 -17.43 18.26
N GLY B 78 8.93 -17.62 18.19
CA GLY B 78 9.68 -17.75 16.95
C GLY B 78 10.70 -18.88 17.05
N PHE B 79 10.83 -19.69 15.99
CA PHE B 79 11.74 -20.84 16.00
C PHE B 79 12.82 -20.82 14.93
N ARG B 80 14.00 -21.41 15.25
CA ARG B 80 15.19 -21.51 14.40
C ARG B 80 15.68 -20.14 13.90
N ASP B 81 15.21 -19.67 12.72
CA ASP B 81 15.59 -18.36 12.22
C ASP B 81 14.63 -17.28 12.73
N ASP B 82 13.36 -17.63 13.01
CA ASP B 82 12.40 -16.68 13.58
C ASP B 82 12.70 -16.28 15.04
N THR B 83 13.85 -16.72 15.59
CA THR B 83 14.28 -16.35 16.93
C THR B 83 14.78 -14.89 16.98
N LYS B 84 15.23 -14.35 15.83
CA LYS B 84 15.72 -12.99 15.65
C LYS B 84 14.69 -11.93 16.09
N PHE B 85 13.39 -12.30 16.09
CA PHE B 85 12.31 -11.42 16.50
C PHE B 85 12.27 -11.22 18.01
N ALA B 86 12.65 -12.25 18.78
CA ALA B 86 12.70 -12.14 20.24
C ALA B 86 13.88 -11.27 20.72
N LYS B 87 14.94 -11.15 19.91
CA LYS B 87 16.11 -10.36 20.24
C LYS B 87 15.87 -8.85 20.09
N LEU B 88 14.95 -8.45 19.22
CA LEU B 88 14.64 -7.04 18.96
C LEU B 88 13.97 -6.37 20.14
N VAL B 89 13.13 -7.11 20.86
CA VAL B 89 12.39 -6.57 21.98
C VAL B 89 13.10 -6.74 23.33
N ARG B 90 12.72 -5.93 24.32
CA ARG B 90 13.21 -5.93 25.69
C ARG B 90 12.01 -5.73 26.66
N LYS B 91 12.24 -5.91 27.97
CA LYS B 91 11.19 -5.73 28.97
C LYS B 91 10.84 -4.24 29.10
N GLY B 92 9.70 -3.84 28.56
CA GLY B 92 9.25 -2.47 28.63
C GLY B 92 8.99 -1.77 27.30
N ASP B 93 9.11 -2.50 26.20
CA ASP B 93 8.91 -1.92 24.88
C ASP B 93 7.46 -1.98 24.40
N LEU B 94 7.00 -0.92 23.73
CA LEU B 94 5.65 -0.86 23.16
C LEU B 94 5.80 -1.29 21.72
N VAL B 95 5.34 -2.52 21.39
CA VAL B 95 5.52 -3.06 20.06
C VAL B 95 4.22 -3.50 19.38
N GLN B 96 4.26 -3.65 18.04
CA GLN B 96 3.15 -4.14 17.25
C GLN B 96 3.58 -5.51 16.72
N VAL B 97 2.81 -6.55 17.02
CA VAL B 97 3.15 -7.91 16.61
C VAL B 97 2.13 -8.45 15.60
N ILE B 98 2.62 -9.01 14.47
CA ILE B 98 1.78 -9.62 13.45
C ILE B 98 2.28 -11.05 13.25
N GLY B 99 1.35 -12.00 13.21
CA GLY B 99 1.70 -13.39 13.00
C GLY B 99 0.52 -14.33 12.97
N LYS B 100 0.77 -15.61 12.68
CA LYS B 100 -0.29 -16.60 12.63
C LYS B 100 -0.67 -17.07 14.02
N ILE B 101 -1.97 -17.28 14.25
CA ILE B 101 -2.45 -17.73 15.55
C ILE B 101 -2.18 -19.23 15.68
N ALA B 102 -1.63 -19.65 16.82
CA ALA B 102 -1.33 -21.05 17.06
C ALA B 102 -1.75 -21.46 18.47
N GLU B 103 -2.03 -22.76 18.69
CA GLU B 103 -2.44 -23.24 20.00
C GLU B 103 -1.47 -24.31 20.52
N TRP B 104 -0.92 -24.07 21.71
CA TRP B 104 0.03 -25.00 22.34
C TRP B 104 -0.43 -25.41 23.73
N ARG B 105 -0.75 -26.71 23.91
CA ARG B 105 -1.27 -27.29 25.15
C ARG B 105 -2.59 -26.62 25.57
N ASP B 106 -3.50 -26.47 24.58
CA ASP B 106 -4.83 -25.85 24.68
C ASP B 106 -4.77 -24.40 25.19
N ASP B 107 -3.68 -23.70 24.85
CA ASP B 107 -3.45 -22.31 25.22
C ASP B 107 -3.11 -21.53 23.95
N LYS B 108 -3.74 -20.37 23.75
CA LYS B 108 -3.49 -19.56 22.55
C LYS B 108 -2.18 -18.79 22.61
N GLN B 109 -1.50 -18.66 21.47
CA GLN B 109 -0.23 -17.94 21.32
C GLN B 109 -0.01 -17.49 19.86
N ILE B 110 0.95 -16.56 19.61
CA ILE B 110 1.17 -16.05 18.26
C ILE B 110 2.54 -16.40 17.69
N LEU B 111 2.56 -17.07 16.53
CA LEU B 111 3.80 -17.41 15.84
C LEU B 111 4.25 -16.13 15.13
N VAL B 112 5.27 -15.47 15.67
CA VAL B 112 5.77 -14.19 15.16
C VAL B 112 6.23 -14.21 13.70
N GLU B 113 5.77 -13.21 12.96
CA GLU B 113 6.16 -12.92 11.57
C GLU B 113 6.86 -11.55 11.45
N GLY B 114 6.63 -10.67 12.43
CA GLY B 114 7.23 -9.35 12.49
C GLY B 114 6.90 -8.65 13.78
N VAL B 115 7.89 -7.97 14.36
CA VAL B 115 7.69 -7.21 15.58
C VAL B 115 8.60 -5.98 15.55
N SER B 116 8.03 -4.81 15.82
CA SER B 116 8.79 -3.57 15.81
C SER B 116 8.23 -2.58 16.84
N LYS B 117 9.10 -1.71 17.35
CA LYS B 117 8.70 -0.71 18.35
C LYS B 117 7.81 0.35 17.71
N VAL B 118 6.76 0.75 18.41
CA VAL B 118 5.84 1.77 17.90
C VAL B 118 5.74 2.98 18.82
N HIS B 119 5.39 4.13 18.24
CA HIS B 119 5.23 5.40 18.94
C HIS B 119 3.99 5.33 19.87
N PRO B 120 3.96 6.06 21.02
CA PRO B 120 2.77 5.99 21.88
C PRO B 120 1.46 6.39 21.21
N ASN B 121 1.52 7.25 20.18
CA ASN B 121 0.33 7.64 19.41
C ASN B 121 -0.19 6.47 18.55
N MET B 122 0.69 5.53 18.15
CA MET B 122 0.33 4.31 17.41
C MET B 122 -0.49 3.39 18.29
N TRP B 123 -0.18 3.33 19.59
CA TRP B 123 -0.95 2.53 20.55
C TRP B 123 -2.35 3.11 20.72
N ILE B 124 -2.49 4.45 20.69
CA ILE B 124 -3.78 5.12 20.77
C ILE B 124 -4.58 4.80 19.51
N LEU B 125 -3.92 4.90 18.33
CA LEU B 125 -4.50 4.60 17.02
C LEU B 125 -4.99 3.16 16.94
N HIS B 126 -4.23 2.23 17.55
CA HIS B 126 -4.54 0.81 17.60
C HIS B 126 -5.85 0.58 18.34
N ARG B 127 -6.07 1.30 19.43
CA ARG B 127 -7.31 1.18 20.21
C ARG B 127 -8.52 1.73 19.45
N TYR B 128 -8.30 2.76 18.62
CA TYR B 128 -9.35 3.35 17.82
C TYR B 128 -9.78 2.37 16.73
N GLU B 129 -8.81 1.76 16.03
CA GLU B 129 -9.09 0.80 14.97
C GLU B 129 -9.71 -0.50 15.48
N THR B 130 -9.20 -1.00 16.61
CA THR B 130 -9.69 -2.25 17.18
C THR B 130 -11.12 -2.11 17.67
N LEU B 131 -11.46 -0.97 18.26
CA LEU B 131 -12.81 -0.72 18.73
C LEU B 131 -13.74 -0.55 17.52
N LYS B 132 -13.30 0.20 16.50
CA LYS B 132 -14.05 0.44 15.27
C LYS B 132 -14.37 -0.86 14.52
N GLU B 133 -13.37 -1.72 14.28
CA GLU B 133 -13.58 -2.98 13.58
C GLU B 133 -14.49 -3.92 14.35
N LYS B 134 -14.44 -3.88 15.68
CA LYS B 134 -15.30 -4.71 16.53
C LYS B 134 -16.76 -4.27 16.39
N ILE B 135 -17.02 -2.96 16.26
CA ILE B 135 -18.36 -2.43 16.08
C ILE B 135 -18.90 -2.84 14.70
N GLU B 136 -18.06 -2.72 13.66
CA GLU B 136 -18.42 -3.05 12.28
C GLU B 136 -18.76 -4.52 12.12
N HIS B 137 -17.93 -5.41 12.68
CA HIS B 137 -18.15 -6.85 12.55
C HIS B 137 -19.36 -7.31 13.33
N ILE B 138 -19.52 -6.83 14.57
CA ILE B 138 -20.64 -7.25 15.40
C ILE B 138 -21.98 -6.80 14.81
N LYS B 139 -22.05 -5.61 14.21
CA LYS B 139 -23.29 -5.12 13.61
C LYS B 139 -23.66 -5.90 12.35
N LYS B 140 -22.67 -6.38 11.59
CA LYS B 140 -22.91 -7.19 10.40
C LYS B 140 -23.32 -8.61 10.80
N ALA B 141 -22.68 -9.15 11.84
CA ALA B 141 -22.99 -10.50 12.32
C ALA B 141 -24.31 -10.57 13.10
N LYS B 142 -24.79 -9.44 13.63
CA LYS B 142 -26.06 -9.39 14.36
C LYS B 142 -27.23 -9.61 13.40
N ILE B 143 -27.15 -9.01 12.20
CA ILE B 143 -28.16 -9.16 11.15
C ILE B 143 -28.04 -10.56 10.53
N ALA B 144 -26.82 -11.05 10.33
CA ALA B 144 -26.56 -12.38 9.79
C ALA B 144 -27.00 -13.50 10.74
N LEU B 145 -27.02 -13.22 12.06
CA LEU B 145 -27.47 -14.18 13.06
C LEU B 145 -28.98 -14.40 12.92
N GLU B 146 -29.73 -13.33 12.63
CA GLU B 146 -31.18 -13.38 12.43
C GLU B 146 -31.55 -14.18 11.18
N ILE B 147 -30.72 -14.11 10.13
CA ILE B 147 -30.95 -14.86 8.90
C ILE B 147 -30.67 -16.36 9.12
N TYR B 148 -29.63 -16.66 9.92
CA TYR B 148 -29.26 -18.04 10.24
C TYR B 148 -30.25 -18.70 11.20
N ASN B 149 -30.81 -17.93 12.15
CA ASN B 149 -31.79 -18.48 13.09
C ASN B 149 -33.20 -18.66 12.48
N GLN B 150 -33.44 -18.08 11.30
CA GLN B 150 -34.73 -18.18 10.63
C GLN B 150 -34.73 -19.18 9.47
N TYR B 151 -33.62 -19.25 8.72
CA TYR B 151 -33.54 -20.16 7.56
C TYR B 151 -32.36 -21.14 7.63
N GLY B 152 -31.21 -20.67 8.12
CA GLY B 152 -30.01 -21.48 8.20
C GLY B 152 -29.16 -21.31 6.95
N ILE B 153 -28.43 -22.36 6.55
CA ILE B 153 -27.65 -22.29 5.32
C ILE B 153 -28.42 -22.94 4.17
N THR B 154 -29.27 -22.13 3.52
CA THR B 154 -30.09 -22.55 2.39
C THR B 154 -29.91 -21.59 1.21
N ALA B 155 -30.35 -21.99 0.00
CA ALA B 155 -30.24 -21.15 -1.18
C ALA B 155 -31.06 -19.86 -1.06
N LYS B 156 -32.17 -19.91 -0.30
CA LYS B 156 -33.04 -18.76 -0.07
C LYS B 156 -32.38 -17.75 0.88
N SER B 157 -31.74 -18.26 1.95
CA SER B 157 -31.07 -17.40 2.93
C SER B 157 -29.85 -16.69 2.37
N LYS B 158 -29.19 -17.29 1.36
CA LYS B 158 -28.02 -16.68 0.73
C LYS B 158 -28.40 -15.45 -0.12
N VAL B 159 -29.62 -15.43 -0.68
CA VAL B 159 -30.10 -14.31 -1.48
C VAL B 159 -30.50 -13.15 -0.55
N ILE B 160 -31.15 -13.46 0.58
CA ILE B 160 -31.57 -12.47 1.57
C ILE B 160 -30.37 -11.78 2.21
N ALA B 161 -29.29 -12.53 2.48
CA ALA B 161 -28.06 -11.97 3.05
C ALA B 161 -27.35 -11.05 2.05
N LYS B 162 -27.42 -11.37 0.75
CA LYS B 162 -26.82 -10.56 -0.31
C LYS B 162 -27.50 -9.19 -0.39
N ASN B 163 -28.83 -9.15 -0.19
CA ASN B 163 -29.59 -7.90 -0.22
C ASN B 163 -29.31 -7.03 1.01
N LYS B 164 -28.97 -7.64 2.16
CA LYS B 164 -28.68 -6.89 3.38
C LYS B 164 -27.21 -6.48 3.55
N GLY B 165 -26.41 -6.62 2.49
CA GLY B 165 -25.00 -6.25 2.51
C GLY B 165 -24.15 -7.19 3.34
N ILE B 166 -24.52 -8.48 3.36
CA ILE B 166 -23.80 -9.49 4.14
C ILE B 166 -23.12 -10.50 3.23
N GLU B 167 -21.83 -10.79 3.51
CA GLU B 167 -21.08 -11.77 2.73
C GLU B 167 -21.56 -13.19 3.04
N GLU B 168 -21.42 -14.09 2.06
CA GLU B 168 -21.85 -15.47 2.22
C GLU B 168 -20.99 -16.23 3.24
N GLU B 169 -19.69 -15.90 3.31
CA GLU B 169 -18.80 -16.57 4.25
C GLU B 169 -19.20 -16.33 5.69
N LEU B 170 -19.72 -15.13 6.01
CA LEU B 170 -20.14 -14.78 7.37
C LEU B 170 -21.20 -15.74 7.92
N LEU B 171 -22.14 -16.18 7.08
CA LEU B 171 -23.17 -17.12 7.50
C LEU B 171 -22.58 -18.49 7.84
N GLU B 172 -21.58 -18.92 7.07
CA GLU B 172 -20.90 -20.19 7.29
C GLU B 172 -20.06 -20.17 8.57
N VAL B 173 -19.51 -19.00 8.93
CA VAL B 173 -18.73 -18.82 10.16
C VAL B 173 -19.65 -18.93 11.38
N ILE B 174 -20.88 -18.39 11.28
CA ILE B 174 -21.86 -18.47 12.37
C ILE B 174 -22.26 -19.94 12.60
N ASP B 175 -22.46 -20.70 11.52
CA ASP B 175 -22.80 -22.12 11.60
C ASP B 175 -21.66 -22.91 12.23
N GLU B 176 -20.42 -22.58 11.87
CA GLU B 176 -19.24 -23.23 12.40
C GLU B 176 -19.09 -22.95 13.90
N LEU B 177 -19.40 -21.71 14.32
CA LEU B 177 -19.35 -21.29 15.71
C LEU B 177 -20.42 -22.00 16.53
N TYR B 178 -21.61 -22.19 15.94
CA TYR B 178 -22.73 -22.89 16.59
C TYR B 178 -22.38 -24.34 16.89
N GLY B 179 -21.66 -24.98 15.97
CA GLY B 179 -21.23 -26.36 16.11
C GLY B 179 -20.22 -26.53 17.21
N ILE B 180 -19.30 -25.55 17.34
CA ILE B 180 -18.26 -25.56 18.37
C ILE B 180 -18.89 -25.35 19.74
N MET B 181 -19.88 -24.44 19.84
CA MET B 181 -20.57 -24.16 21.09
C MET B 181 -21.47 -25.32 21.55
N MET B 182 -22.06 -26.05 20.60
CA MET B 182 -22.91 -27.20 20.94
C MET B 182 -22.06 -28.39 21.44
N GLU B 183 -20.81 -28.49 20.97
CA GLU B 183 -19.88 -29.52 21.44
C GLU B 183 -19.42 -29.22 22.87
N GLU B 184 -19.29 -27.93 23.22
CA GLU B 184 -18.90 -27.49 24.56
C GLU B 184 -20.02 -27.70 25.59
N ARG B 185 -21.29 -27.58 25.16
CA ARG B 185 -22.43 -27.78 26.05
C ARG B 185 -22.47 -29.25 26.50
N SER B 186 -22.23 -30.17 25.55
CA SER B 186 -22.22 -31.61 25.83
C SER B 186 -20.89 -32.03 26.45
N ARG C 11 -2.62 -21.06 35.88
CA ARG C 11 -2.99 -19.67 36.18
C ARG C 11 -2.07 -18.70 35.43
N ARG C 12 -2.62 -17.99 34.43
CA ARG C 12 -1.86 -17.04 33.62
C ARG C 12 -1.57 -15.72 34.36
N ARG C 13 -0.47 -15.03 33.96
CA ARG C 13 -0.09 -13.75 34.56
C ARG C 13 -1.15 -12.70 34.32
N LYS C 14 -1.53 -12.00 35.40
CA LYS C 14 -2.58 -10.99 35.43
C LYS C 14 -2.26 -9.80 34.53
N PRO C 15 -3.24 -9.32 33.75
CA PRO C 15 -2.98 -8.18 32.86
C PRO C 15 -2.97 -6.85 33.60
N ALA C 16 -2.30 -5.85 33.01
CA ALA C 16 -2.22 -4.53 33.60
C ALA C 16 -3.53 -3.79 33.36
N VAL C 17 -4.43 -3.81 34.35
CA VAL C 17 -5.73 -3.15 34.24
C VAL C 17 -5.55 -1.64 34.13
N GLU C 18 -5.84 -1.09 32.95
CA GLU C 18 -5.70 0.34 32.73
C GLU C 18 -6.72 1.11 33.53
N ARG C 19 -6.26 1.80 34.57
CA ARG C 19 -7.11 2.58 35.45
C ARG C 19 -6.51 3.95 35.75
N LYS C 20 -7.35 4.90 36.17
CA LYS C 20 -6.88 6.21 36.59
C LYS C 20 -6.51 6.12 38.09
N ILE C 21 -5.79 7.12 38.64
CA ILE C 21 -5.40 7.09 40.05
C ILE C 21 -6.63 7.18 40.98
N SER C 22 -7.67 7.95 40.57
CA SER C 22 -8.89 8.04 41.38
C SER C 22 -9.76 6.78 41.26
N GLU C 23 -9.68 6.08 40.12
CA GLU C 23 -10.46 4.86 39.87
C GLU C 23 -9.79 3.59 40.37
N ILE C 24 -8.77 3.69 41.25
CA ILE C 24 -8.08 2.50 41.73
C ILE C 24 -8.96 1.71 42.70
N ARG C 25 -9.45 0.57 42.23
CA ARG C 25 -10.30 -0.33 43.01
C ARG C 25 -9.39 -1.23 43.88
N GLU C 26 -9.85 -1.60 45.09
CA GLU C 26 -9.12 -2.46 46.03
C GLU C 26 -8.86 -3.87 45.48
N GLU C 27 -9.70 -4.32 44.53
CA GLU C 27 -9.59 -5.63 43.89
C GLU C 27 -8.46 -5.71 42.85
N ASP C 28 -7.98 -4.54 42.36
CA ASP C 28 -6.91 -4.46 41.36
C ASP C 28 -5.56 -4.92 41.91
N THR C 29 -4.81 -5.64 41.09
CA THR C 29 -3.49 -6.14 41.47
C THR C 29 -2.41 -5.44 40.66
N ARG C 30 -2.57 -5.40 39.33
CA ARG C 30 -1.61 -4.75 38.44
C ARG C 30 -2.33 -3.66 37.67
N VAL C 31 -1.81 -2.43 37.70
CA VAL C 31 -2.47 -1.30 37.04
C VAL C 31 -1.58 -0.54 36.05
N SER C 32 -2.21 0.12 35.09
CA SER C 32 -1.54 0.92 34.08
C SER C 32 -1.89 2.39 34.32
N LEU C 33 -1.00 3.14 34.98
CA LEU C 33 -1.23 4.54 35.28
C LEU C 33 -0.45 5.42 34.32
N ILE C 34 -1.13 6.33 33.61
CA ILE C 34 -0.45 7.24 32.68
C ILE C 34 -0.56 8.68 33.18
N GLY C 35 0.56 9.26 33.60
CA GLY C 35 0.55 10.63 34.10
C GLY C 35 1.89 11.34 33.99
N ARG C 36 1.99 12.53 34.61
CA ARG C 36 3.20 13.35 34.58
C ARG C 36 3.92 13.31 35.93
N VAL C 37 5.26 13.16 35.92
CA VAL C 37 6.06 13.13 37.13
C VAL C 37 6.16 14.53 37.72
N ILE C 38 5.94 14.67 39.03
CA ILE C 38 6.00 15.97 39.68
C ILE C 38 7.16 16.09 40.67
N LYS C 39 7.64 14.98 41.23
CA LYS C 39 8.76 15.00 42.18
C LYS C 39 9.57 13.69 42.10
N VAL C 40 10.90 13.79 42.14
CA VAL C 40 11.77 12.62 42.06
C VAL C 40 12.70 12.53 43.28
N ASP C 41 12.65 11.40 44.00
CA ASP C 41 13.50 11.15 45.15
C ASP C 41 14.50 10.05 44.76
N LYS C 42 15.76 10.44 44.49
CA LYS C 42 16.78 9.48 44.06
C LYS C 42 17.33 8.61 45.19
N MET C 43 17.17 9.03 46.45
CA MET C 43 17.67 8.26 47.58
C MET C 43 16.80 7.03 47.83
N ASP C 44 15.47 7.20 47.81
CA ASP C 44 14.55 6.09 48.03
C ASP C 44 14.03 5.44 46.74
N TYR C 45 14.50 5.90 45.56
CA TYR C 45 14.11 5.40 44.24
C TYR C 45 12.61 5.51 43.99
N MET C 46 11.98 6.60 44.46
CA MET C 46 10.55 6.79 44.29
C MET C 46 10.22 8.10 43.61
N PHE C 47 9.18 8.11 42.77
CA PHE C 47 8.77 9.32 42.08
C PHE C 47 7.25 9.49 42.12
N TRP C 48 6.79 10.73 42.30
CA TRP C 48 5.36 11.04 42.41
C TRP C 48 4.73 11.20 41.03
N LEU C 49 3.61 10.54 40.79
CA LEU C 49 2.93 10.61 39.51
C LEU C 49 1.58 11.29 39.61
N ASP C 50 1.25 12.18 38.67
CA ASP C 50 -0.02 12.88 38.68
C ASP C 50 -0.70 12.75 37.32
N ASP C 51 -1.88 12.12 37.29
CA ASP C 51 -2.62 11.94 36.04
C ASP C 51 -3.81 12.89 35.85
N GLY C 52 -4.08 13.74 36.83
CA GLY C 52 -5.22 14.65 36.76
C GLY C 52 -6.33 14.33 37.73
N THR C 53 -6.36 13.09 38.24
CA THR C 53 -7.37 12.64 39.20
C THR C 53 -6.80 12.41 40.61
N GLY C 54 -5.50 12.18 40.72
CA GLY C 54 -4.84 11.96 42.00
C GLY C 54 -3.33 11.85 41.89
N VAL C 55 -2.65 11.75 43.03
CA VAL C 55 -1.20 11.63 43.07
C VAL C 55 -0.84 10.32 43.75
N ALA C 56 0.11 9.57 43.17
CA ALA C 56 0.53 8.29 43.75
C ALA C 56 2.04 8.15 43.81
N ILE C 57 2.55 7.47 44.84
CA ILE C 57 3.99 7.24 44.97
C ILE C 57 4.36 6.03 44.13
N ILE C 58 5.36 6.18 43.26
CA ILE C 58 5.78 5.07 42.40
C ILE C 58 7.18 4.63 42.81
N GLU C 59 7.30 3.42 43.36
CA GLU C 59 8.60 2.90 43.77
C GLU C 59 9.25 2.15 42.59
N SER C 60 10.24 2.78 41.95
CA SER C 60 10.93 2.17 40.83
C SER C 60 12.12 1.34 41.25
N GLU C 61 12.48 0.35 40.43
CA GLU C 61 13.59 -0.55 40.70
C GLU C 61 14.95 0.16 40.58
N SER C 62 15.18 0.85 39.46
CA SER C 62 16.43 1.59 39.22
C SER C 62 16.24 2.72 38.21
N ASP C 63 15.32 2.55 37.26
CA ASP C 63 15.04 3.53 36.22
C ASP C 63 14.28 4.72 36.82
N LEU C 64 14.91 5.90 36.85
CA LEU C 64 14.27 7.09 37.41
C LEU C 64 14.00 8.14 36.34
N PRO C 65 12.72 8.49 36.12
CA PRO C 65 12.41 9.50 35.09
C PRO C 65 12.67 10.94 35.55
N LYS C 66 12.57 11.91 34.63
CA LYS C 66 12.81 13.31 34.95
C LYS C 66 11.53 14.01 35.45
N VAL C 67 11.69 15.13 36.16
CA VAL C 67 10.55 15.89 36.67
C VAL C 67 9.87 16.60 35.51
N GLY C 68 8.58 16.36 35.34
CA GLY C 68 7.81 16.98 34.26
C GLY C 68 7.61 16.08 33.05
N GLN C 69 8.38 14.99 32.95
CA GLN C 69 8.28 14.05 31.85
C GLN C 69 7.01 13.22 32.01
N VAL C 70 6.20 13.10 30.95
CA VAL C 70 4.98 12.31 31.01
C VAL C 70 5.33 10.86 30.75
N VAL C 71 5.00 9.96 31.70
CA VAL C 71 5.34 8.54 31.55
C VAL C 71 4.15 7.62 31.83
N ARG C 72 4.22 6.38 31.30
CA ARG C 72 3.22 5.34 31.54
C ARG C 72 3.88 4.33 32.45
N VAL C 73 3.30 4.07 33.63
CA VAL C 73 3.87 3.13 34.58
C VAL C 73 2.99 1.92 34.82
N ILE C 74 3.53 0.73 34.54
CA ILE C 74 2.84 -0.53 34.74
C ILE C 74 3.50 -1.18 35.95
N GLY C 75 2.71 -1.49 36.98
CA GLY C 75 3.25 -2.11 38.18
C GLY C 75 2.22 -2.73 39.09
N ARG C 76 2.70 -3.33 40.19
CA ARG C 76 1.86 -3.99 41.18
C ARG C 76 1.48 -3.06 42.32
N ILE C 77 0.23 -3.08 42.76
CA ILE C 77 -0.23 -2.24 43.85
C ILE C 77 0.23 -2.84 45.16
N ILE C 78 1.02 -2.09 45.94
CA ILE C 78 1.51 -2.57 47.23
C ILE C 78 0.56 -2.10 48.33
N ARG C 79 -0.31 -3.00 48.80
CA ARG C 79 -1.27 -2.68 49.86
C ARG C 79 -0.82 -3.24 51.20
N ASN C 80 -0.32 -2.37 52.06
CA ASN C 80 0.17 -2.76 53.38
C ASN C 80 -0.10 -1.67 54.45
N GLU C 81 0.42 -1.86 55.69
CA GLU C 81 0.26 -0.90 56.79
C GLU C 81 1.01 0.44 56.54
N GLU C 82 1.99 0.44 55.62
CA GLU C 82 2.77 1.63 55.23
C GLU C 82 1.97 2.59 54.32
N GLY C 83 1.04 2.05 53.55
CA GLY C 83 0.22 2.83 52.64
C GLY C 83 -0.04 2.12 51.33
N ILE C 84 -0.59 2.86 50.35
CA ILE C 84 -0.89 2.28 49.05
C ILE C 84 -0.07 2.99 47.93
N HIS C 85 1.01 2.32 47.48
CA HIS C 85 1.93 2.81 46.44
C HIS C 85 2.05 1.80 45.28
N ILE C 86 2.64 2.21 44.14
CA ILE C 86 2.77 1.32 42.99
C ILE C 86 4.22 0.90 42.75
N TYR C 87 4.50 -0.40 42.84
CA TYR C 87 5.85 -0.91 42.60
C TYR C 87 6.06 -1.03 41.09
N ALA C 88 6.82 -0.08 40.51
CA ALA C 88 7.06 -0.01 39.07
C ALA C 88 7.81 -1.18 38.46
N GLU C 89 7.28 -1.70 37.34
CA GLU C 89 7.90 -2.78 36.58
C GLU C 89 8.33 -2.24 35.21
N VAL C 90 7.44 -1.47 34.56
CA VAL C 90 7.69 -0.90 33.24
C VAL C 90 7.38 0.61 33.25
N ILE C 91 8.33 1.43 32.77
CA ILE C 91 8.16 2.89 32.69
C ILE C 91 8.42 3.35 31.26
N GLN C 92 7.36 3.69 30.50
CA GLN C 92 7.49 4.10 29.11
C GLN C 92 7.39 5.60 28.92
N ASP C 93 7.99 6.13 27.85
CA ASP C 93 7.96 7.56 27.57
C ASP C 93 6.70 8.00 26.84
N PHE C 94 5.79 8.66 27.53
CA PHE C 94 4.56 9.16 26.93
C PHE C 94 4.58 10.68 26.77
N SER C 95 5.77 11.27 26.57
CA SER C 95 5.91 12.72 26.42
C SER C 95 5.30 13.18 25.11
N ASP C 96 5.50 12.42 24.04
CA ASP C 96 4.95 12.78 22.73
C ASP C 96 3.56 12.18 22.50
N ALA C 97 2.84 11.82 23.58
CA ALA C 97 1.52 11.21 23.43
C ALA C 97 0.40 12.22 23.51
N ASP C 98 -0.58 12.09 22.60
CA ASP C 98 -1.75 12.95 22.56
C ASP C 98 -2.69 12.50 23.67
N LEU C 99 -2.56 13.11 24.85
CA LEU C 99 -3.38 12.76 26.01
C LEU C 99 -4.87 13.04 25.82
N GLU C 100 -5.21 13.97 24.93
CA GLU C 100 -6.60 14.27 24.64
C GLU C 100 -7.24 13.11 23.86
N ALA C 101 -6.47 12.50 22.93
CA ALA C 101 -6.94 11.35 22.16
C ALA C 101 -7.03 10.11 23.04
N LEU C 102 -6.11 9.97 24.01
CA LEU C 102 -6.07 8.87 24.97
C LEU C 102 -7.31 8.89 25.86
N GLU C 103 -7.74 10.09 26.28
CA GLU C 103 -8.91 10.24 27.12
C GLU C 103 -10.20 9.98 26.33
N GLU C 104 -10.23 10.37 25.06
CA GLU C 104 -11.40 10.19 24.19
C GLU C 104 -11.67 8.71 23.90
N ILE C 105 -10.63 7.92 23.60
CA ILE C 105 -10.81 6.50 23.35
C ILE C 105 -11.15 5.73 24.64
N ARG C 106 -10.75 6.25 25.81
CA ARG C 106 -11.07 5.63 27.10
C ARG C 106 -12.59 5.72 27.35
N GLU C 107 -13.20 6.86 27.02
CA GLU C 107 -14.64 7.07 27.19
C GLU C 107 -15.44 6.27 26.17
N LEU C 108 -14.90 6.11 24.94
CA LEU C 108 -15.55 5.34 23.89
C LEU C 108 -15.54 3.86 24.25
N GLU C 109 -14.44 3.37 24.83
CA GLU C 109 -14.32 1.97 25.23
C GLU C 109 -15.20 1.68 26.44
N ARG C 110 -15.32 2.63 27.37
CA ARG C 110 -16.12 2.47 28.58
C ARG C 110 -17.62 2.35 28.25
N LYS C 111 -18.07 3.01 27.17
CA LYS C 111 -19.48 2.98 26.79
C LYS C 111 -19.82 1.92 25.75
N LEU C 112 -18.90 1.65 24.82
CA LEU C 112 -19.18 0.68 23.75
C LEU C 112 -18.74 -0.75 24.02
N LEU C 113 -17.53 -0.96 24.56
CA LEU C 113 -17.04 -2.33 24.80
C LEU C 113 -17.96 -3.20 25.67
N PRO C 114 -18.52 -2.74 26.82
CA PRO C 114 -19.42 -3.62 27.59
C PRO C 114 -20.72 -3.95 26.83
N ARG C 115 -21.16 -3.05 25.93
CA ARG C 115 -22.36 -3.25 25.12
C ARG C 115 -22.10 -4.28 24.02
N LEU C 116 -20.93 -4.21 23.38
CA LEU C 116 -20.56 -5.13 22.30
C LEU C 116 -20.28 -6.55 22.79
N GLU C 117 -19.83 -6.69 24.05
CA GLU C 117 -19.51 -7.99 24.64
C GLU C 117 -20.76 -8.88 24.74
N GLY C 118 -21.90 -8.29 25.07
CA GLY C 118 -23.15 -9.01 25.22
C GLY C 118 -24.06 -9.03 24.01
N GLU C 119 -23.63 -8.46 22.87
CA GLU C 119 -24.46 -8.45 21.66
C GLU C 119 -24.49 -9.82 21.00
N ILE C 120 -23.31 -10.43 20.80
CA ILE C 120 -23.24 -11.76 20.18
C ILE C 120 -22.86 -12.82 21.21
N VAL C 121 -23.83 -13.22 22.02
CA VAL C 121 -23.66 -14.26 23.03
C VAL C 121 -24.86 -15.20 22.87
N TRP C 122 -24.59 -16.47 22.59
CA TRP C 122 -25.64 -17.45 22.40
C TRP C 122 -25.61 -18.51 23.49
ZN ZN D . 18.57 10.95 -16.15
S SO4 E . 9.77 8.63 -14.41
O1 SO4 E . 8.88 8.92 -13.28
O2 SO4 E . 10.74 9.72 -14.58
O3 SO4 E . 10.48 7.36 -14.15
O4 SO4 E . 8.98 8.48 -15.65
S SO4 F . 10.85 -13.10 -4.69
O1 SO4 F . 11.35 -14.47 -4.47
O2 SO4 F . 9.39 -13.12 -4.85
O3 SO4 F . 11.20 -12.28 -3.51
O4 SO4 F . 11.48 -12.53 -5.89
S SO4 G . 11.49 -8.56 -11.18
O1 SO4 G . 11.46 -9.86 -10.50
O2 SO4 G . 10.46 -7.67 -10.64
O3 SO4 G . 12.82 -7.94 -10.99
O4 SO4 G . 11.25 -8.76 -12.62
S SO4 H . -16.14 -2.10 1.20
O1 SO4 H . -14.73 -2.28 0.81
O2 SO4 H . -16.74 -3.41 1.49
O3 SO4 H . -16.20 -1.23 2.39
O4 SO4 H . -16.86 -1.47 0.08
S SO4 I . -9.00 11.32 1.21
O1 SO4 I . -9.33 12.01 -0.04
O2 SO4 I . -9.73 10.05 1.28
O3 SO4 I . -7.53 11.14 1.24
O4 SO4 I . -9.39 12.15 2.37
S SO4 J . 0.03 15.81 -1.54
O1 SO4 J . 1.48 15.58 -1.57
O2 SO4 J . -0.66 14.64 -0.97
O3 SO4 J . -0.25 16.98 -0.70
O4 SO4 J . -0.45 16.07 -2.92
S SO4 K . -1.04 10.27 -14.75
O1 SO4 K . -0.37 9.54 -15.83
O2 SO4 K . -2.08 9.43 -14.13
O3 SO4 K . -0.03 10.74 -13.77
O4 SO4 K . -1.72 11.44 -15.33
S SO4 L . 12.09 -10.20 34.31
O1 SO4 L . 12.50 -11.58 34.06
O2 SO4 L . 10.89 -10.18 35.16
O3 SO4 L . 13.19 -9.43 34.92
O4 SO4 L . 11.76 -9.55 33.03
S SO4 M . 4.91 -16.08 4.99
O1 SO4 M . 4.22 -15.59 3.80
O2 SO4 M . 5.72 -17.25 4.67
O3 SO4 M . 5.79 -15.04 5.56
O4 SO4 M . 3.90 -16.45 6.02
S SO4 N . 6.63 -22.48 7.54
O1 SO4 N . 8.05 -22.85 7.38
O2 SO4 N . 5.97 -23.45 8.43
O3 SO4 N . 6.53 -21.14 8.14
O4 SO4 N . 6.00 -22.48 6.21
S SO4 O . 2.26 -17.74 32.23
O1 SO4 O . 3.51 -18.42 31.83
O2 SO4 O . 1.12 -18.34 31.52
O3 SO4 O . 2.11 -17.88 33.69
O4 SO4 O . 2.30 -16.30 31.91
#